data_5UZJ
#
_entry.id   5UZJ
#
_cell.length_a   183.970
_cell.length_b   183.970
_cell.length_c   91.640
_cell.angle_alpha   90.000
_cell.angle_beta   90.000
_cell.angle_gamma   120.000
#
_symmetry.space_group_name_H-M   'P 31 2 1'
#
loop_
_entity.id
_entity.type
_entity.pdbx_description
1 polymer 'Rho-associated protein kinase 1'
2 non-polymer N-[4-(2-aminopyridin-4-yl)-1,3-thiazol-2-yl]-2-(3-methoxyphenyl)acetamide
3 water water
#
_entity_poly.entity_id   1
_entity_poly.type   'polypeptide(L)'
_entity_poly.pdbx_seq_one_letter_code
;GSLHMSFETRFEKMDNLLRDPKSEVNSDCLLDGLDALVYDLDFPALRKNKNIDNFLSRYKDTINKIRDLRMKAEDYEVVK
VIGRGAFGEVQLVRHKSTRKVYAMKLLSKFEMIKRSDSAFFWEERDIMAFANSPWVVQLFYAFQDDRYLYMVMEYMPGGD
LVNLMSNYDVPEKWARFYTAEVVLALDAIHSMGFIHRDVKPDNMLLDKSGHLKLADFGTCMKMNKEGMVRCDTAVGTPDY
ISPEVLKSQGGDGYYGRECDWWSVGVFLYEMLVGDTPFYADSLVGTYSKIMNHKNSLTFPDDNDISKEAKNLICAFLTDR
EVRLGRNGVEEIKRHLFFKNDQWAWETLRDTVAPVVPDLSSDIDTSNFDDLEEDKGEEETFPIPKAFVGNQLPFVGFTYY
SNRRYLSSANPNDNR
;
_entity_poly.pdbx_strand_id   A,B
#
# COMPACT_ATOMS: atom_id res chain seq x y z
N SER A 6 12.39 -20.83 8.38
CA SER A 6 12.84 -21.19 7.05
C SER A 6 12.48 -20.10 6.04
N PHE A 7 13.02 -20.20 4.81
CA PHE A 7 12.77 -19.26 3.71
C PHE A 7 11.26 -19.15 3.38
N GLU A 8 10.64 -20.31 3.12
CA GLU A 8 9.21 -20.48 2.83
C GLU A 8 8.36 -19.94 3.99
N THR A 9 8.66 -20.36 5.23
CA THR A 9 7.98 -19.91 6.45
C THR A 9 7.83 -18.38 6.44
N ARG A 10 8.95 -17.65 6.26
CA ARG A 10 9.04 -16.18 6.20
C ARG A 10 8.14 -15.60 5.11
N PHE A 11 8.02 -16.28 3.95
CA PHE A 11 7.18 -15.87 2.82
C PHE A 11 5.74 -16.01 3.26
N GLU A 12 5.39 -17.22 3.74
CA GLU A 12 4.05 -17.58 4.20
C GLU A 12 3.58 -16.61 5.24
N LYS A 13 4.41 -16.36 6.28
CA LYS A 13 4.13 -15.43 7.39
C LYS A 13 3.78 -14.04 6.86
N MET A 14 4.67 -13.50 6.02
CA MET A 14 4.57 -12.20 5.33
C MET A 14 3.34 -12.15 4.41
N ASP A 15 3.00 -13.30 3.80
CA ASP A 15 1.85 -13.52 2.91
C ASP A 15 0.49 -13.58 3.62
N ASN A 16 0.41 -14.17 4.84
CA ASN A 16 -0.84 -14.23 5.61
C ASN A 16 -1.15 -12.84 6.15
N LEU A 17 -0.10 -12.00 6.32
CA LEU A 17 -0.20 -10.63 6.81
C LEU A 17 -0.82 -9.68 5.80
N LEU A 18 -0.54 -9.86 4.49
CA LEU A 18 -1.09 -9.00 3.44
C LEU A 18 -2.53 -9.31 3.14
N ARG A 19 -2.97 -10.53 3.50
CA ARG A 19 -4.30 -11.08 3.28
C ARG A 19 -5.29 -10.92 4.45
N ASP A 20 -4.80 -10.92 5.71
CA ASP A 20 -5.65 -10.84 6.91
C ASP A 20 -6.52 -9.57 7.00
N PRO A 21 -7.88 -9.68 7.11
CA PRO A 21 -8.73 -8.47 7.25
C PRO A 21 -8.52 -7.73 8.58
N LYS A 22 -7.96 -8.43 9.57
CA LYS A 22 -7.65 -7.86 10.88
C LYS A 22 -6.17 -7.37 10.92
N SER A 23 -5.35 -7.63 9.87
CA SER A 23 -3.95 -7.16 9.79
C SER A 23 -3.87 -5.64 9.56
N GLU A 24 -2.85 -5.00 10.16
CA GLU A 24 -2.61 -3.55 10.07
C GLU A 24 -1.95 -3.19 8.73
N VAL A 25 -1.38 -4.22 8.07
CA VAL A 25 -0.65 -4.10 6.82
C VAL A 25 -1.20 -5.00 5.71
N ASN A 26 -2.54 -5.13 5.66
CA ASN A 26 -3.20 -5.87 4.58
C ASN A 26 -3.38 -4.91 3.40
N SER A 27 -3.68 -5.42 2.19
CA SER A 27 -3.83 -4.61 0.97
C SER A 27 -4.65 -3.31 1.19
N ASP A 28 -5.73 -3.39 2.01
CA ASP A 28 -6.63 -2.27 2.35
C ASP A 28 -5.90 -1.11 3.00
N CYS A 29 -5.12 -1.38 4.08
CA CYS A 29 -4.34 -0.38 4.85
C CYS A 29 -3.25 0.19 4.00
N LEU A 30 -2.53 -0.69 3.29
CA LEU A 30 -1.39 -0.31 2.48
C LEU A 30 -1.74 0.66 1.37
N LEU A 31 -2.90 0.45 0.72
CA LEU A 31 -3.38 1.31 -0.34
C LEU A 31 -3.76 2.67 0.23
N ASP A 32 -4.32 2.67 1.47
CA ASP A 32 -4.70 3.87 2.22
C ASP A 32 -3.45 4.70 2.48
N GLY A 33 -2.36 4.04 2.87
CA GLY A 33 -1.06 4.64 3.16
C GLY A 33 -0.50 5.46 2.00
N LEU A 34 -0.61 4.92 0.76
CA LEU A 34 -0.16 5.61 -0.44
C LEU A 34 -1.09 6.77 -0.77
N ASP A 35 -2.43 6.51 -0.78
CA ASP A 35 -3.49 7.50 -1.04
C ASP A 35 -3.36 8.73 -0.11
N ALA A 36 -2.99 8.50 1.18
CA ALA A 36 -2.80 9.50 2.21
C ALA A 36 -1.57 10.36 1.92
N LEU A 37 -0.42 9.70 1.70
CA LEU A 37 0.86 10.36 1.41
C LEU A 37 0.72 11.35 0.25
N VAL A 38 0.01 10.94 -0.82
CA VAL A 38 -0.25 11.73 -2.02
C VAL A 38 -1.17 12.94 -1.71
N TYR A 39 -2.23 12.75 -0.88
CA TYR A 39 -3.16 13.83 -0.49
C TYR A 39 -2.44 14.91 0.32
N ASP A 40 -1.64 14.49 1.34
CA ASP A 40 -0.88 15.37 2.25
C ASP A 40 0.37 15.99 1.61
N LEU A 41 0.69 15.62 0.36
CA LEU A 41 1.86 16.18 -0.30
C LEU A 41 1.54 17.03 -1.54
N ASP A 42 0.32 16.93 -2.10
CA ASP A 42 -0.02 17.70 -3.30
C ASP A 42 -0.40 19.19 -3.01
N PHE A 43 0.60 19.98 -2.60
CA PHE A 43 0.45 21.41 -2.33
C PHE A 43 1.64 22.10 -2.93
N PRO A 44 1.48 23.36 -3.42
CA PRO A 44 2.61 24.04 -4.09
C PRO A 44 3.83 24.34 -3.23
N ALA A 45 3.58 24.61 -1.92
CA ALA A 45 4.59 24.89 -0.88
C ALA A 45 5.61 23.75 -0.77
N LEU A 46 5.09 22.52 -0.60
CA LEU A 46 5.80 21.25 -0.44
C LEU A 46 6.44 20.74 -1.74
N ARG A 47 5.81 21.06 -2.89
CA ARG A 47 6.29 20.67 -4.21
C ARG A 47 7.58 21.39 -4.61
N LYS A 48 8.00 22.42 -3.83
CA LYS A 48 9.26 23.15 -4.03
C LYS A 48 10.43 22.20 -3.73
N ASN A 49 10.20 21.20 -2.84
CA ASN A 49 11.11 20.11 -2.48
C ASN A 49 11.06 19.12 -3.66
N LYS A 50 12.21 18.87 -4.32
CA LYS A 50 12.24 17.99 -5.49
C LYS A 50 11.83 16.56 -5.19
N ASN A 51 12.30 15.98 -4.06
CA ASN A 51 11.92 14.62 -3.65
C ASN A 51 10.38 14.52 -3.70
N ILE A 52 9.68 15.50 -3.10
CA ILE A 52 8.24 15.57 -3.04
C ILE A 52 7.62 15.75 -4.43
N ASP A 53 8.14 16.69 -5.25
CA ASP A 53 7.63 16.94 -6.60
C ASP A 53 7.77 15.72 -7.51
N ASN A 54 9.00 15.18 -7.62
CA ASN A 54 9.34 14.01 -8.44
C ASN A 54 8.52 12.81 -8.07
N PHE A 55 8.31 12.58 -6.76
CA PHE A 55 7.51 11.48 -6.25
C PHE A 55 6.08 11.62 -6.78
N LEU A 56 5.46 12.80 -6.56
CA LEU A 56 4.09 13.08 -6.98
C LEU A 56 3.88 12.91 -8.45
N SER A 57 4.81 13.46 -9.27
CA SER A 57 4.78 13.35 -10.72
C SER A 57 4.85 11.89 -11.14
N ARG A 58 5.80 11.12 -10.57
CA ARG A 58 6.00 9.69 -10.80
C ARG A 58 4.72 8.87 -10.51
N TYR A 59 4.04 9.16 -9.41
CA TYR A 59 2.86 8.41 -9.04
C TYR A 59 1.53 9.07 -9.47
N LYS A 60 1.55 10.01 -10.47
CA LYS A 60 0.32 10.70 -10.89
C LYS A 60 -0.70 9.77 -11.56
N ASP A 61 -0.33 9.22 -12.75
CA ASP A 61 -1.16 8.34 -13.57
C ASP A 61 -1.69 7.12 -12.79
N THR A 62 -0.83 6.55 -11.94
CA THR A 62 -1.10 5.40 -11.08
C THR A 62 -2.13 5.73 -10.00
N ILE A 63 -1.87 6.75 -9.15
CA ILE A 63 -2.78 7.16 -8.06
C ILE A 63 -4.19 7.43 -8.57
N ASN A 64 -4.29 7.95 -9.80
CA ASN A 64 -5.56 8.26 -10.41
C ASN A 64 -6.32 6.99 -10.76
N LYS A 65 -5.66 6.02 -11.45
CA LYS A 65 -6.25 4.73 -11.84
C LYS A 65 -6.89 4.08 -10.60
N ILE A 66 -6.07 4.01 -9.52
CA ILE A 66 -6.31 3.54 -8.16
C ILE A 66 -7.59 4.18 -7.60
N ARG A 67 -7.66 5.53 -7.64
CA ARG A 67 -8.77 6.33 -7.14
C ARG A 67 -10.07 6.03 -7.89
N ASP A 68 -10.00 5.89 -9.24
CA ASP A 68 -11.12 5.58 -10.13
C ASP A 68 -11.67 4.13 -9.92
N LEU A 69 -10.77 3.15 -9.58
CA LEU A 69 -11.11 1.73 -9.40
C LEU A 69 -11.69 1.44 -8.02
N ARG A 70 -11.03 1.94 -6.97
CA ARG A 70 -11.43 1.78 -5.58
C ARG A 70 -12.75 2.49 -5.31
N MET A 71 -13.48 2.01 -4.29
CA MET A 71 -14.78 2.57 -3.88
C MET A 71 -14.65 4.04 -3.51
N LYS A 72 -15.52 4.85 -4.10
CA LYS A 72 -15.63 6.30 -3.94
C LYS A 72 -17.11 6.69 -3.75
N ALA A 73 -17.34 7.86 -3.14
CA ALA A 73 -18.67 8.39 -2.84
C ALA A 73 -19.57 8.59 -4.07
N GLU A 74 -18.97 8.94 -5.22
CA GLU A 74 -19.68 9.13 -6.50
C GLU A 74 -20.17 7.80 -7.12
N ASP A 75 -19.95 6.66 -6.42
CA ASP A 75 -20.42 5.33 -6.82
C ASP A 75 -21.85 5.14 -6.29
N TYR A 76 -22.31 6.05 -5.44
CA TYR A 76 -23.62 5.96 -4.83
C TYR A 76 -24.48 7.16 -5.17
N GLU A 77 -25.78 6.89 -5.39
CA GLU A 77 -26.83 7.85 -5.67
C GLU A 77 -27.49 8.12 -4.30
N VAL A 78 -27.47 9.37 -3.81
CA VAL A 78 -28.05 9.69 -2.50
C VAL A 78 -29.57 9.94 -2.67
N VAL A 79 -30.37 9.15 -1.92
CA VAL A 79 -31.82 9.10 -1.96
C VAL A 79 -32.44 10.07 -0.97
N LYS A 80 -31.89 10.22 0.25
CA LYS A 80 -32.42 11.12 1.29
C LYS A 80 -31.44 11.20 2.45
N VAL A 81 -31.47 12.33 3.21
CA VAL A 81 -30.65 12.45 4.42
C VAL A 81 -31.57 11.98 5.55
N ILE A 82 -31.37 10.73 5.99
CA ILE A 82 -32.20 10.10 7.02
C ILE A 82 -31.66 10.30 8.44
N GLY A 83 -30.77 11.25 8.61
CA GLY A 83 -30.22 11.55 9.92
C GLY A 83 -29.06 12.51 9.91
N ARG A 84 -28.76 13.01 11.10
CA ARG A 84 -27.69 13.93 11.41
C ARG A 84 -27.22 13.67 12.84
N GLY A 85 -25.95 13.93 13.07
CA GLY A 85 -25.31 13.79 14.37
C GLY A 85 -24.24 14.86 14.54
N ALA A 86 -23.30 14.60 15.45
CA ALA A 86 -22.21 15.49 15.81
C ALA A 86 -21.24 15.78 14.65
N PHE A 87 -20.55 14.72 14.18
CA PHE A 87 -19.52 14.76 13.15
C PHE A 87 -19.97 14.38 11.76
N GLY A 88 -21.24 14.47 11.45
CA GLY A 88 -21.67 14.15 10.09
C GLY A 88 -23.14 13.90 9.93
N GLU A 89 -23.47 13.16 8.88
CA GLU A 89 -24.83 12.77 8.54
C GLU A 89 -24.94 11.33 8.03
N VAL A 90 -26.13 10.72 8.18
CA VAL A 90 -26.40 9.37 7.71
C VAL A 90 -27.35 9.55 6.52
N GLN A 91 -27.13 8.79 5.44
CA GLN A 91 -28.00 8.93 4.26
C GLN A 91 -28.35 7.62 3.56
N LEU A 92 -29.62 7.56 3.11
CA LEU A 92 -30.13 6.42 2.37
C LEU A 92 -29.53 6.52 0.95
N VAL A 93 -28.76 5.51 0.53
CA VAL A 93 -28.09 5.52 -0.77
C VAL A 93 -28.37 4.28 -1.59
N ARG A 94 -28.10 4.36 -2.89
CA ARG A 94 -28.21 3.25 -3.82
C ARG A 94 -26.89 3.15 -4.58
N HIS A 95 -26.19 2.01 -4.45
CA HIS A 95 -24.94 1.81 -5.18
C HIS A 95 -25.33 1.76 -6.68
N LYS A 96 -24.87 2.75 -7.44
CA LYS A 96 -25.17 2.94 -8.86
C LYS A 96 -25.00 1.69 -9.73
N SER A 97 -23.93 0.87 -9.52
CA SER A 97 -23.71 -0.36 -10.30
C SER A 97 -24.63 -1.51 -9.90
N THR A 98 -24.51 -2.00 -8.64
CA THR A 98 -25.25 -3.14 -8.10
C THR A 98 -26.76 -2.87 -7.96
N ARG A 99 -27.11 -1.59 -7.77
CA ARG A 99 -28.44 -1.02 -7.55
C ARG A 99 -28.94 -1.35 -6.15
N LYS A 100 -28.05 -1.88 -5.28
CA LYS A 100 -28.32 -2.29 -3.90
C LYS A 100 -28.46 -1.08 -2.95
N VAL A 101 -29.38 -1.17 -1.96
CA VAL A 101 -29.71 -0.07 -1.05
C VAL A 101 -29.07 -0.19 0.36
N TYR A 102 -28.41 0.88 0.82
CA TYR A 102 -27.71 0.92 2.11
C TYR A 102 -27.86 2.25 2.84
N ALA A 103 -27.60 2.25 4.17
CA ALA A 103 -27.55 3.46 4.98
C ALA A 103 -26.05 3.76 5.09
N MET A 104 -25.61 4.98 4.74
CA MET A 104 -24.22 5.38 4.76
C MET A 104 -23.98 6.53 5.74
N LYS A 105 -23.20 6.25 6.83
CA LYS A 105 -22.81 7.24 7.84
C LYS A 105 -21.52 7.91 7.37
N LEU A 106 -21.52 9.24 7.31
CA LEU A 106 -20.39 10.07 6.90
C LEU A 106 -19.79 10.71 8.15
N LEU A 107 -18.46 10.78 8.24
CA LEU A 107 -17.79 11.43 9.37
C LEU A 107 -16.78 12.44 8.87
N SER A 108 -16.96 13.72 9.28
CA SER A 108 -16.08 14.81 8.90
C SER A 108 -14.70 14.68 9.56
N LYS A 109 -13.68 14.46 8.69
CA LYS A 109 -12.26 14.33 8.99
C LYS A 109 -11.73 15.60 9.64
N PHE A 110 -12.14 16.79 9.13
CA PHE A 110 -11.74 18.08 9.71
C PHE A 110 -12.33 18.30 11.11
N GLU A 111 -13.67 18.17 11.24
CA GLU A 111 -14.39 18.32 12.49
C GLU A 111 -13.81 17.41 13.57
N MET A 112 -13.62 16.10 13.26
CA MET A 112 -13.03 15.13 14.20
C MET A 112 -11.70 15.59 14.79
N ILE A 113 -10.79 16.13 13.96
CA ILE A 113 -9.50 16.67 14.39
C ILE A 113 -9.70 17.91 15.29
N LYS A 114 -10.49 18.90 14.79
CA LYS A 114 -10.82 20.17 15.46
C LYS A 114 -11.38 19.97 16.90
N ALA A 119 -10.77 9.28 17.94
CA ALA A 119 -10.53 7.97 17.33
C ALA A 119 -11.61 6.92 17.77
N PHE A 120 -12.88 7.35 17.89
CA PHE A 120 -14.00 6.51 18.32
C PHE A 120 -14.41 5.50 17.28
N PHE A 121 -14.37 5.92 16.00
CA PHE A 121 -14.74 5.17 14.79
C PHE A 121 -14.09 3.80 14.63
N TRP A 122 -12.91 3.60 15.24
CA TRP A 122 -12.22 2.34 15.18
C TRP A 122 -13.07 1.23 15.83
N GLU A 123 -13.53 1.43 17.08
CA GLU A 123 -14.39 0.50 17.84
C GLU A 123 -15.69 0.20 17.06
N GLU A 124 -16.36 1.29 16.53
CA GLU A 124 -17.61 1.28 15.75
C GLU A 124 -17.46 0.41 14.48
N ARG A 125 -16.38 0.66 13.68
CA ARG A 125 -16.04 -0.05 12.44
C ARG A 125 -15.93 -1.55 12.70
N ASP A 126 -15.10 -1.88 13.69
CA ASP A 126 -14.77 -3.21 14.15
C ASP A 126 -15.99 -4.06 14.55
N ILE A 127 -16.86 -3.49 15.44
CA ILE A 127 -18.07 -4.11 16.00
C ILE A 127 -19.02 -4.46 14.88
N MET A 128 -19.36 -3.48 14.03
CA MET A 128 -20.27 -3.68 12.90
C MET A 128 -19.73 -4.67 11.83
N ALA A 129 -18.39 -4.70 11.62
CA ALA A 129 -17.77 -5.58 10.63
C ALA A 129 -17.62 -7.02 11.03
N PHE A 130 -17.32 -7.30 12.30
CA PHE A 130 -17.08 -8.67 12.78
C PHE A 130 -18.06 -9.16 13.87
N ALA A 131 -19.06 -8.38 14.28
CA ALA A 131 -19.97 -8.85 15.33
C ALA A 131 -20.66 -10.18 14.95
N ASN A 132 -21.12 -10.27 13.69
CA ASN A 132 -21.84 -11.40 13.15
C ASN A 132 -22.96 -11.89 14.13
N SER A 133 -23.85 -10.91 14.51
CA SER A 133 -25.01 -11.10 15.39
C SER A 133 -26.23 -10.52 14.73
N PRO A 134 -27.41 -11.13 14.90
CA PRO A 134 -28.62 -10.52 14.31
C PRO A 134 -29.02 -9.25 15.08
N TRP A 135 -28.34 -8.97 16.21
CA TRP A 135 -28.59 -7.84 17.09
C TRP A 135 -27.73 -6.65 16.78
N VAL A 136 -26.76 -6.81 15.87
CA VAL A 136 -25.84 -5.72 15.51
C VAL A 136 -25.99 -5.33 14.02
N VAL A 137 -26.09 -4.02 13.76
CA VAL A 137 -26.17 -3.48 12.39
C VAL A 137 -24.87 -3.85 11.64
N GLN A 138 -25.01 -4.47 10.46
CA GLN A 138 -23.89 -4.97 9.66
C GLN A 138 -23.19 -3.96 8.73
N LEU A 139 -21.84 -3.87 8.85
CA LEU A 139 -20.96 -3.05 8.01
C LEU A 139 -20.56 -3.90 6.78
N PHE A 140 -20.82 -3.40 5.56
CA PHE A 140 -20.47 -4.10 4.28
C PHE A 140 -19.20 -3.54 3.66
N TYR A 141 -19.03 -2.21 3.71
CA TYR A 141 -17.89 -1.50 3.17
C TYR A 141 -17.58 -0.29 4.03
N ALA A 142 -16.29 0.06 4.11
CA ALA A 142 -15.83 1.27 4.77
C ALA A 142 -14.75 1.89 3.89
N PHE A 143 -15.05 3.06 3.30
CA PHE A 143 -14.12 3.77 2.42
C PHE A 143 -13.89 5.22 2.91
N GLN A 144 -12.98 5.95 2.22
CA GLN A 144 -12.63 7.33 2.56
C GLN A 144 -12.13 8.16 1.39
N ASP A 145 -11.82 9.43 1.69
CA ASP A 145 -11.21 10.42 0.83
C ASP A 145 -10.50 11.46 1.69
N ASP A 146 -10.26 12.65 1.16
CA ASP A 146 -9.53 13.69 1.88
C ASP A 146 -10.38 14.46 2.91
N ARG A 147 -11.71 14.31 2.84
CA ARG A 147 -12.67 15.04 3.66
C ARG A 147 -13.56 14.18 4.59
N TYR A 148 -13.96 12.96 4.14
CA TYR A 148 -14.84 12.08 4.93
C TYR A 148 -14.46 10.61 5.08
N LEU A 149 -15.03 10.01 6.11
CA LEU A 149 -15.02 8.59 6.40
C LEU A 149 -16.41 8.09 5.99
N TYR A 150 -16.52 6.87 5.46
CA TYR A 150 -17.83 6.35 5.02
C TYR A 150 -18.07 4.96 5.59
N MET A 151 -19.29 4.71 6.12
CA MET A 151 -19.65 3.40 6.66
C MET A 151 -20.90 2.91 5.96
N VAL A 152 -20.76 1.93 5.07
CA VAL A 152 -21.87 1.39 4.29
C VAL A 152 -22.47 0.19 5.06
N MET A 153 -23.64 0.42 5.73
CA MET A 153 -24.35 -0.55 6.56
C MET A 153 -25.70 -0.97 5.94
N GLU A 154 -26.34 -2.05 6.48
CA GLU A 154 -27.67 -2.43 6.00
C GLU A 154 -28.70 -1.44 6.58
N TYR A 155 -29.60 -0.92 5.71
CA TYR A 155 -30.59 0.06 6.07
C TYR A 155 -31.69 -0.53 6.94
N MET A 156 -31.95 0.13 8.09
CA MET A 156 -32.98 -0.23 9.04
C MET A 156 -34.25 0.59 8.70
N PRO A 157 -35.20 0.04 7.92
CA PRO A 157 -36.36 0.85 7.51
C PRO A 157 -37.38 1.21 8.59
N GLY A 158 -37.42 0.45 9.68
CA GLY A 158 -38.39 0.68 10.76
C GLY A 158 -38.18 1.89 11.65
N GLY A 159 -37.06 2.61 11.53
CA GLY A 159 -36.76 3.77 12.37
C GLY A 159 -36.33 3.40 13.77
N ASP A 160 -36.13 4.42 14.67
CA ASP A 160 -35.71 4.21 16.06
C ASP A 160 -36.85 4.20 17.06
N LEU A 161 -36.49 3.88 18.31
CA LEU A 161 -37.45 3.76 19.40
C LEU A 161 -37.98 5.08 19.86
N VAL A 162 -37.27 6.18 19.52
CA VAL A 162 -37.69 7.53 19.85
C VAL A 162 -38.96 7.86 19.06
N ASN A 163 -38.93 7.52 17.74
CA ASN A 163 -40.06 7.65 16.84
C ASN A 163 -41.24 6.76 17.30
N LEU A 164 -40.97 5.50 17.71
CA LEU A 164 -42.04 4.61 18.15
C LEU A 164 -42.74 5.16 19.37
N MET A 165 -41.95 5.51 20.39
CA MET A 165 -42.43 6.03 21.66
C MET A 165 -43.21 7.33 21.48
N SER A 166 -42.82 8.12 20.47
CA SER A 166 -43.47 9.38 20.14
C SER A 166 -44.79 9.20 19.38
N ASN A 167 -45.08 8.01 18.81
CA ASN A 167 -46.30 7.78 18.04
C ASN A 167 -47.29 6.83 18.69
N TYR A 168 -46.90 6.22 19.82
CA TYR A 168 -47.79 5.29 20.52
C TYR A 168 -47.67 5.43 22.00
N ASP A 169 -48.81 5.18 22.70
CA ASP A 169 -48.78 5.06 24.14
C ASP A 169 -48.32 3.57 24.22
N VAL A 170 -47.08 3.31 24.66
CA VAL A 170 -46.56 1.95 24.68
C VAL A 170 -47.25 1.05 25.73
N PRO A 171 -47.96 -0.02 25.33
CA PRO A 171 -48.50 -0.97 26.32
C PRO A 171 -47.38 -1.84 26.90
N GLU A 172 -47.63 -2.42 28.09
CA GLU A 172 -46.68 -3.28 28.81
C GLU A 172 -46.25 -4.51 28.01
N LYS A 173 -47.17 -5.14 27.22
CA LYS A 173 -46.83 -6.30 26.38
C LYS A 173 -45.62 -5.95 25.50
N TRP A 174 -45.73 -4.82 24.76
CA TRP A 174 -44.72 -4.26 23.85
C TRP A 174 -43.42 -3.91 24.59
N ALA A 175 -43.54 -3.18 25.74
CA ALA A 175 -42.40 -2.78 26.55
C ALA A 175 -41.58 -3.98 26.99
N ARG A 176 -42.26 -5.12 27.31
CA ARG A 176 -41.59 -6.38 27.65
C ARG A 176 -40.77 -6.89 26.47
N PHE A 177 -41.39 -6.95 25.27
CA PHE A 177 -40.74 -7.39 24.04
C PHE A 177 -39.48 -6.57 23.75
N TYR A 178 -39.62 -5.22 23.62
CA TYR A 178 -38.52 -4.29 23.34
C TYR A 178 -37.42 -4.33 24.41
N THR A 179 -37.77 -4.42 25.71
CA THR A 179 -36.76 -4.53 26.78
C THR A 179 -35.91 -5.81 26.60
N ALA A 180 -36.61 -6.98 26.48
CA ALA A 180 -36.03 -8.29 26.27
C ALA A 180 -35.00 -8.28 25.10
N GLU A 181 -35.40 -7.73 23.94
CA GLU A 181 -34.54 -7.65 22.76
C GLU A 181 -33.31 -6.78 23.05
N VAL A 182 -33.49 -5.70 23.85
CA VAL A 182 -32.36 -4.83 24.25
C VAL A 182 -31.40 -5.64 25.12
N VAL A 183 -31.96 -6.37 26.09
CA VAL A 183 -31.23 -7.25 27.00
C VAL A 183 -30.39 -8.28 26.22
N LEU A 184 -31.01 -8.97 25.23
CA LEU A 184 -30.27 -9.94 24.42
C LEU A 184 -29.11 -9.31 23.62
N ALA A 185 -29.36 -8.12 23.03
CA ALA A 185 -28.42 -7.37 22.22
C ALA A 185 -27.27 -6.78 23.06
N LEU A 186 -27.56 -6.20 24.25
CA LEU A 186 -26.51 -5.65 25.11
C LEU A 186 -25.59 -6.77 25.53
N ASP A 187 -26.18 -7.95 25.83
CA ASP A 187 -25.46 -9.15 26.21
C ASP A 187 -24.48 -9.61 25.11
N ALA A 188 -24.88 -9.48 23.83
CA ALA A 188 -24.09 -9.86 22.66
C ALA A 188 -22.82 -9.00 22.57
N ILE A 189 -22.96 -7.69 22.84
CA ILE A 189 -21.88 -6.68 22.87
C ILE A 189 -20.92 -7.01 24.04
N HIS A 190 -21.50 -7.27 25.23
CA HIS A 190 -20.77 -7.64 26.43
C HIS A 190 -19.94 -8.88 26.16
N SER A 191 -20.53 -9.86 25.42
CA SER A 191 -19.87 -11.11 25.03
C SER A 191 -18.75 -10.92 24.02
N MET A 192 -18.64 -9.73 23.45
CA MET A 192 -17.58 -9.32 22.52
C MET A 192 -16.55 -8.52 23.33
N GLY A 193 -16.76 -8.48 24.66
CA GLY A 193 -15.92 -7.80 25.64
C GLY A 193 -16.02 -6.30 25.63
N PHE A 194 -17.24 -5.78 25.40
CA PHE A 194 -17.46 -4.36 25.34
C PHE A 194 -18.53 -3.86 26.27
N ILE A 195 -18.28 -2.68 26.85
CA ILE A 195 -19.27 -1.92 27.61
C ILE A 195 -19.83 -0.94 26.54
N HIS A 196 -21.19 -0.81 26.45
CA HIS A 196 -21.81 0.09 25.48
C HIS A 196 -21.58 1.52 25.89
N ARG A 197 -21.70 1.81 27.20
CA ARG A 197 -21.50 3.12 27.83
C ARG A 197 -22.61 4.21 27.53
N ASP A 198 -23.35 4.09 26.38
CA ASP A 198 -24.37 5.07 26.04
C ASP A 198 -25.59 4.39 25.37
N VAL A 199 -26.34 3.59 26.17
CA VAL A 199 -27.57 2.88 25.76
C VAL A 199 -28.78 3.87 25.79
N LYS A 200 -29.42 4.09 24.63
CA LYS A 200 -30.56 5.01 24.54
C LYS A 200 -31.50 4.62 23.39
N PRO A 201 -32.77 5.10 23.41
CA PRO A 201 -33.71 4.77 22.32
C PRO A 201 -33.24 5.12 20.92
N ASP A 202 -32.41 6.19 20.80
CA ASP A 202 -31.80 6.71 19.58
C ASP A 202 -30.87 5.65 18.97
N ASN A 203 -30.31 4.76 19.82
CA ASN A 203 -29.38 3.71 19.40
C ASN A 203 -30.08 2.37 19.13
N MET A 204 -31.40 2.30 19.39
CA MET A 204 -32.21 1.10 19.16
C MET A 204 -32.97 1.21 17.80
N LEU A 205 -32.60 0.41 16.78
CA LEU A 205 -33.24 0.48 15.46
C LEU A 205 -34.08 -0.74 15.13
N LEU A 206 -35.03 -0.57 14.19
CA LEU A 206 -35.94 -1.62 13.78
C LEU A 206 -35.76 -2.06 12.34
N ASP A 207 -35.60 -3.37 12.14
CA ASP A 207 -35.46 -4.01 10.82
C ASP A 207 -36.83 -4.04 10.06
N LYS A 208 -36.86 -4.59 8.84
CA LYS A 208 -38.08 -4.66 8.05
C LYS A 208 -39.20 -5.46 8.73
N SER A 209 -38.83 -6.36 9.68
CA SER A 209 -39.75 -7.24 10.38
C SER A 209 -40.21 -6.65 11.71
N GLY A 210 -39.61 -5.52 12.07
CA GLY A 210 -39.92 -4.85 13.33
C GLY A 210 -39.06 -5.31 14.50
N HIS A 211 -37.95 -6.04 14.24
CA HIS A 211 -37.05 -6.54 15.29
C HIS A 211 -35.86 -5.59 15.55
N LEU A 212 -35.35 -5.61 16.79
CA LEU A 212 -34.30 -4.71 17.25
C LEU A 212 -32.89 -5.07 16.77
N LYS A 213 -32.06 -4.02 16.65
CA LYS A 213 -30.65 -4.00 16.30
C LYS A 213 -30.07 -2.72 16.89
N LEU A 214 -28.87 -2.82 17.45
CA LEU A 214 -28.17 -1.68 18.05
C LEU A 214 -27.30 -1.02 16.96
N ALA A 215 -27.19 0.31 17.01
CA ALA A 215 -26.44 1.09 16.04
C ALA A 215 -25.67 2.24 16.76
N ASP A 216 -24.82 3.02 16.03
CA ASP A 216 -24.05 4.14 16.61
C ASP A 216 -23.26 3.73 17.88
N PHE A 217 -22.16 3.00 17.67
CA PHE A 217 -21.29 2.47 18.70
C PHE A 217 -20.12 3.40 18.99
N GLY A 218 -20.43 4.67 19.09
CA GLY A 218 -19.44 5.71 19.34
C GLY A 218 -18.66 5.53 20.63
N THR A 219 -19.40 5.51 21.78
CA THR A 219 -18.91 5.37 23.16
C THR A 219 -18.37 3.97 23.58
N CYS A 220 -18.51 2.93 22.73
CA CYS A 220 -18.02 1.57 22.99
C CYS A 220 -16.55 1.53 23.38
N MET A 221 -16.26 0.76 24.46
CA MET A 221 -14.92 0.57 25.05
C MET A 221 -14.69 -0.91 25.44
N LYS A 222 -13.43 -1.41 25.25
CA LYS A 222 -13.01 -2.78 25.54
C LYS A 222 -12.70 -2.97 27.01
N MET A 223 -13.37 -3.97 27.65
CA MET A 223 -13.23 -4.30 29.07
C MET A 223 -11.88 -4.95 29.32
N ASN A 224 -11.35 -4.88 30.56
CA ASN A 224 -10.07 -5.52 30.88
C ASN A 224 -10.24 -6.96 31.38
N LYS A 225 -9.15 -7.55 31.92
CA LYS A 225 -9.11 -8.90 32.50
C LYS A 225 -10.20 -9.08 33.62
N GLU A 226 -10.50 -8.01 34.40
CA GLU A 226 -11.51 -8.03 35.46
C GLU A 226 -12.88 -7.63 34.88
N GLY A 227 -12.93 -7.42 33.55
CA GLY A 227 -14.12 -6.98 32.82
C GLY A 227 -14.54 -5.58 33.23
N MET A 228 -13.52 -4.72 33.43
CA MET A 228 -13.64 -3.35 33.89
C MET A 228 -13.03 -2.36 32.91
N VAL A 229 -13.47 -1.09 33.04
CA VAL A 229 -13.02 0.05 32.24
C VAL A 229 -12.62 1.14 33.22
N ARG A 230 -11.47 1.78 32.95
CA ARG A 230 -10.94 2.87 33.76
C ARG A 230 -10.94 4.13 32.91
N CYS A 231 -11.98 4.95 33.09
CA CYS A 231 -12.16 6.23 32.39
C CYS A 231 -12.12 7.40 33.42
N ASP A 232 -11.25 8.40 33.18
CA ASP A 232 -11.10 9.56 34.08
C ASP A 232 -12.19 10.60 33.87
N THR A 233 -12.92 10.50 32.73
CA THR A 233 -13.98 11.42 32.32
C THR A 233 -15.34 10.72 31.96
N ALA A 234 -16.46 11.38 32.30
CA ALA A 234 -17.82 10.87 32.05
C ALA A 234 -18.14 10.75 30.57
N VAL A 235 -19.00 9.77 30.24
CA VAL A 235 -19.42 9.44 28.88
C VAL A 235 -20.91 8.97 28.85
N GLY A 236 -21.68 9.48 27.87
CA GLY A 236 -23.09 9.10 27.66
C GLY A 236 -24.05 10.25 27.42
N THR A 237 -25.37 10.01 27.63
CA THR A 237 -26.44 11.02 27.47
C THR A 237 -26.91 11.50 28.87
N PRO A 238 -27.21 12.81 29.08
CA PRO A 238 -27.56 13.30 30.42
C PRO A 238 -28.66 12.58 31.17
N ASP A 239 -29.64 11.95 30.48
CA ASP A 239 -30.79 11.28 31.15
C ASP A 239 -30.57 9.83 31.44
N TYR A 240 -29.69 9.17 30.67
CA TYR A 240 -29.46 7.73 30.84
C TYR A 240 -28.19 7.40 31.63
N ILE A 241 -27.30 8.39 31.85
CA ILE A 241 -26.02 8.21 32.54
C ILE A 241 -26.21 7.76 34.01
N SER A 242 -25.61 6.60 34.35
CA SER A 242 -25.59 5.96 35.68
C SER A 242 -24.76 6.80 36.67
N PRO A 243 -25.17 6.85 37.97
CA PRO A 243 -24.42 7.64 38.96
C PRO A 243 -22.90 7.45 38.96
N GLU A 244 -22.37 6.21 38.78
CA GLU A 244 -20.93 5.93 38.80
C GLU A 244 -20.16 6.46 37.55
N VAL A 245 -20.80 6.50 36.38
CA VAL A 245 -20.15 7.03 35.18
C VAL A 245 -20.15 8.55 35.31
N LEU A 246 -21.21 9.10 35.90
CA LEU A 246 -21.40 10.52 36.13
C LEU A 246 -20.31 11.15 37.03
N LYS A 247 -19.77 10.40 38.01
CA LYS A 247 -18.72 10.91 38.91
C LYS A 247 -17.26 10.43 38.51
N SER A 248 -17.10 9.83 37.30
CA SER A 248 -15.81 9.34 36.80
C SER A 248 -14.89 10.47 36.35
N GLY A 253 -12.29 7.02 37.86
CA GLY A 253 -13.45 6.15 37.64
C GLY A 253 -13.14 4.74 37.19
N TYR A 254 -13.56 3.74 37.99
CA TYR A 254 -13.36 2.33 37.71
C TYR A 254 -14.70 1.62 37.82
N TYR A 255 -15.28 1.29 36.67
CA TYR A 255 -16.62 0.70 36.56
C TYR A 255 -16.70 -0.44 35.53
N GLY A 256 -17.77 -1.23 35.63
CA GLY A 256 -18.07 -2.37 34.76
C GLY A 256 -19.39 -2.26 34.03
N ARG A 257 -19.76 -3.34 33.27
CA ARG A 257 -20.98 -3.46 32.44
C ARG A 257 -22.32 -3.22 33.19
N GLU A 258 -22.29 -3.08 34.54
CA GLU A 258 -23.49 -2.83 35.35
C GLU A 258 -24.16 -1.53 34.89
N CYS A 259 -23.34 -0.56 34.43
CA CYS A 259 -23.77 0.74 33.92
C CYS A 259 -24.79 0.63 32.76
N ASP A 260 -24.61 -0.32 31.83
CA ASP A 260 -25.54 -0.52 30.73
C ASP A 260 -26.93 -0.96 31.22
N TRP A 261 -26.97 -1.74 32.33
CA TRP A 261 -28.23 -2.18 32.93
C TRP A 261 -29.00 -1.05 33.61
N TRP A 262 -28.30 0.02 34.10
CA TRP A 262 -28.92 1.20 34.71
C TRP A 262 -29.78 1.88 33.61
N SER A 263 -29.17 2.08 32.44
CA SER A 263 -29.79 2.66 31.26
C SER A 263 -31.05 1.86 30.80
N VAL A 264 -31.01 0.50 30.83
CA VAL A 264 -32.18 -0.32 30.49
C VAL A 264 -33.38 0.08 31.39
N GLY A 265 -33.08 0.39 32.67
CA GLY A 265 -34.06 0.83 33.66
C GLY A 265 -34.70 2.13 33.22
N VAL A 266 -33.84 3.09 32.84
CA VAL A 266 -34.24 4.40 32.33
C VAL A 266 -35.14 4.17 31.08
N PHE A 267 -34.67 3.34 30.10
CA PHE A 267 -35.44 2.98 28.91
C PHE A 267 -36.79 2.30 29.21
N LEU A 268 -36.87 1.44 30.28
CA LEU A 268 -38.13 0.80 30.67
C LEU A 268 -39.10 1.82 31.20
N TYR A 269 -38.66 2.64 32.18
CA TYR A 269 -39.45 3.72 32.80
C TYR A 269 -40.04 4.72 31.76
N GLU A 270 -39.24 5.17 30.77
CA GLU A 270 -39.70 6.14 29.77
C GLU A 270 -40.78 5.57 28.86
N MET A 271 -40.65 4.28 28.45
CA MET A 271 -41.63 3.60 27.59
C MET A 271 -42.99 3.45 28.29
N LEU A 272 -43.00 3.21 29.60
CA LEU A 272 -44.24 3.04 30.36
C LEU A 272 -44.81 4.35 30.94
N VAL A 273 -43.95 5.23 31.46
CA VAL A 273 -44.36 6.47 32.13
C VAL A 273 -44.58 7.56 31.11
N GLY A 274 -43.77 7.63 30.08
CA GLY A 274 -43.92 8.69 29.08
C GLY A 274 -42.85 9.76 29.15
N ASP A 275 -42.23 9.90 30.33
CA ASP A 275 -41.11 10.81 30.58
C ASP A 275 -39.96 10.01 31.22
N THR A 276 -38.73 10.55 31.16
CA THR A 276 -37.57 9.93 31.78
C THR A 276 -37.65 10.04 33.30
N PRO A 277 -37.04 9.12 34.07
CA PRO A 277 -37.21 9.19 35.53
C PRO A 277 -36.54 10.36 36.24
N PHE A 278 -35.49 10.95 35.66
CA PHE A 278 -34.76 12.03 36.33
C PHE A 278 -34.84 13.34 35.55
N TYR A 279 -35.95 13.52 34.80
CA TYR A 279 -36.16 14.75 34.04
C TYR A 279 -36.34 15.90 34.99
N ALA A 280 -35.72 17.03 34.62
CA ALA A 280 -35.77 18.32 35.28
C ALA A 280 -35.67 19.42 34.22
N ASP A 281 -36.15 20.66 34.53
CA ASP A 281 -36.17 21.81 33.62
C ASP A 281 -34.84 21.97 32.85
N SER A 282 -33.73 22.20 33.56
CA SER A 282 -32.38 22.36 33.01
C SER A 282 -31.59 21.05 32.97
N LEU A 283 -30.57 20.97 32.12
CA LEU A 283 -29.71 19.78 32.01
C LEU A 283 -28.97 19.51 33.32
N VAL A 284 -28.54 20.59 33.99
CA VAL A 284 -27.86 20.51 35.27
C VAL A 284 -28.81 19.93 36.31
N GLY A 285 -30.09 20.22 36.14
CA GLY A 285 -31.16 19.75 37.02
C GLY A 285 -31.28 18.26 36.99
N THR A 286 -31.23 17.68 35.78
CA THR A 286 -31.29 16.24 35.54
C THR A 286 -30.12 15.54 36.23
N TYR A 287 -28.90 16.11 36.16
CA TYR A 287 -27.66 15.59 36.79
C TYR A 287 -27.86 15.46 38.32
N SER A 288 -28.46 16.51 38.93
CA SER A 288 -28.77 16.54 40.36
C SER A 288 -29.70 15.41 40.75
N LYS A 289 -30.81 15.24 40.02
CA LYS A 289 -31.81 14.19 40.23
C LYS A 289 -31.17 12.79 40.08
N ILE A 290 -30.23 12.61 39.13
CA ILE A 290 -29.55 11.31 38.96
C ILE A 290 -28.75 11.00 40.22
N MET A 291 -27.82 11.90 40.61
CA MET A 291 -27.03 11.74 41.83
C MET A 291 -27.90 11.47 43.06
N ASN A 292 -29.16 11.93 43.04
CA ASN A 292 -30.06 11.64 44.14
C ASN A 292 -31.19 10.67 43.72
N HIS A 293 -30.80 9.58 43.03
CA HIS A 293 -31.74 8.55 42.60
C HIS A 293 -32.47 7.85 43.76
N LYS A 294 -31.87 7.92 44.98
CA LYS A 294 -32.44 7.32 46.18
C LYS A 294 -33.82 7.91 46.51
N ASN A 295 -33.98 9.25 46.39
CA ASN A 295 -35.25 9.96 46.71
C ASN A 295 -35.97 10.54 45.53
N SER A 296 -35.25 10.78 44.41
CA SER A 296 -35.85 11.37 43.21
C SER A 296 -36.73 10.40 42.42
N LEU A 297 -36.36 9.08 42.40
CA LEU A 297 -37.13 8.09 41.66
C LEU A 297 -38.50 7.85 42.31
N THR A 298 -39.54 8.27 41.58
CA THR A 298 -40.94 8.20 41.97
C THR A 298 -41.77 7.88 40.72
N PHE A 299 -42.90 7.17 40.92
CA PHE A 299 -43.83 6.81 39.85
C PHE A 299 -45.10 7.61 40.03
N PRO A 300 -45.81 7.98 38.94
CA PRO A 300 -47.05 8.75 39.12
C PRO A 300 -48.23 7.87 39.51
N ASP A 301 -49.41 8.51 39.78
CA ASP A 301 -50.64 7.79 40.06
C ASP A 301 -51.20 7.24 38.74
N ASP A 302 -50.60 6.11 38.33
CA ASP A 302 -50.86 5.40 37.08
C ASP A 302 -51.26 3.96 37.32
N ASN A 303 -52.57 3.74 37.23
CA ASN A 303 -53.30 2.47 37.39
C ASN A 303 -53.05 1.60 36.14
N ASP A 304 -51.77 1.31 35.85
CA ASP A 304 -51.35 0.52 34.70
C ASP A 304 -49.93 -0.01 34.82
N ILE A 305 -49.05 0.68 35.59
CA ILE A 305 -47.68 0.19 35.77
C ILE A 305 -47.83 -0.99 36.71
N SER A 306 -47.55 -2.20 36.23
CA SER A 306 -47.68 -3.40 37.04
C SER A 306 -46.69 -3.45 38.19
N LYS A 307 -46.94 -4.32 39.18
CA LYS A 307 -46.05 -4.53 40.32
C LYS A 307 -44.64 -4.88 39.85
N GLU A 308 -44.51 -5.85 38.91
CA GLU A 308 -43.22 -6.31 38.39
C GLU A 308 -42.49 -5.28 37.54
N ALA A 309 -43.24 -4.48 36.77
CA ALA A 309 -42.62 -3.45 35.94
C ALA A 309 -41.89 -2.50 36.90
N LYS A 310 -42.59 -2.03 37.95
CA LYS A 310 -42.03 -1.17 39.00
C LYS A 310 -40.81 -1.84 39.64
N ASN A 311 -40.92 -3.15 40.02
CA ASN A 311 -39.84 -3.94 40.64
C ASN A 311 -38.59 -3.98 39.79
N LEU A 312 -38.73 -4.29 38.49
CA LEU A 312 -37.58 -4.37 37.57
C LEU A 312 -36.93 -2.99 37.42
N ILE A 313 -37.75 -1.93 37.29
CA ILE A 313 -37.27 -0.56 37.16
C ILE A 313 -36.41 -0.22 38.38
N CYS A 314 -36.92 -0.48 39.59
CA CYS A 314 -36.20 -0.20 40.81
C CYS A 314 -34.98 -1.08 40.99
N ALA A 315 -35.03 -2.32 40.46
CA ALA A 315 -33.94 -3.30 40.49
C ALA A 315 -32.75 -2.79 39.66
N PHE A 316 -33.03 -2.06 38.57
CA PHE A 316 -32.00 -1.50 37.70
C PHE A 316 -31.61 -0.10 38.15
N LEU A 317 -32.56 0.66 38.73
CA LEU A 317 -32.34 2.05 39.13
C LEU A 317 -31.88 2.22 40.61
N THR A 318 -30.86 1.41 40.99
CA THR A 318 -30.20 1.41 42.30
C THR A 318 -28.67 1.53 42.12
N ASP A 319 -27.93 1.69 43.24
CA ASP A 319 -26.48 1.76 43.27
C ASP A 319 -25.95 0.40 42.79
N ARG A 320 -24.84 0.40 42.01
CA ARG A 320 -24.27 -0.78 41.35
C ARG A 320 -24.19 -2.03 42.22
N GLU A 321 -23.74 -1.86 43.48
CA GLU A 321 -23.56 -2.92 44.48
C GLU A 321 -24.78 -3.84 44.68
N VAL A 322 -26.00 -3.33 44.47
CA VAL A 322 -27.26 -4.07 44.60
C VAL A 322 -28.08 -4.11 43.29
N ARG A 323 -27.47 -3.69 42.18
CA ARG A 323 -28.12 -3.62 40.88
C ARG A 323 -28.34 -4.99 40.23
N LEU A 324 -29.58 -5.23 39.77
CA LEU A 324 -29.91 -6.46 39.06
C LEU A 324 -29.01 -6.49 37.82
N GLY A 325 -28.17 -7.51 37.76
CA GLY A 325 -27.23 -7.66 36.66
C GLY A 325 -25.80 -7.83 37.14
N ARG A 326 -25.53 -7.44 38.42
CA ARG A 326 -24.23 -7.55 39.07
C ARG A 326 -23.69 -8.99 39.00
N ASN A 327 -24.60 -9.99 39.04
CA ASN A 327 -24.29 -11.43 39.00
C ASN A 327 -24.37 -12.05 37.58
N GLY A 328 -24.95 -11.34 36.62
CA GLY A 328 -25.01 -11.83 35.24
C GLY A 328 -26.39 -11.78 34.62
N VAL A 329 -26.45 -11.89 33.27
CA VAL A 329 -27.67 -11.82 32.45
C VAL A 329 -28.78 -12.68 32.96
N GLU A 330 -28.48 -13.95 33.31
CA GLU A 330 -29.49 -14.92 33.72
C GLU A 330 -30.40 -14.44 34.86
N GLU A 331 -29.84 -13.71 35.87
CA GLU A 331 -30.63 -13.16 36.96
C GLU A 331 -31.61 -12.08 36.46
N ILE A 332 -31.32 -11.41 35.32
CA ILE A 332 -32.22 -10.42 34.70
C ILE A 332 -33.33 -11.21 33.99
N LYS A 333 -32.93 -12.22 33.19
CA LYS A 333 -33.81 -13.07 32.40
C LYS A 333 -34.87 -13.77 33.24
N ARG A 334 -34.46 -14.21 34.45
CA ARG A 334 -35.31 -14.89 35.43
C ARG A 334 -36.38 -13.95 36.04
N HIS A 335 -36.20 -12.60 35.93
CA HIS A 335 -37.13 -11.63 36.52
C HIS A 335 -38.57 -11.88 36.05
N LEU A 336 -39.52 -11.79 37.01
CA LEU A 336 -40.92 -12.04 36.71
C LEU A 336 -41.54 -11.10 35.70
N PHE A 337 -41.00 -9.88 35.54
CA PHE A 337 -41.56 -8.95 34.56
C PHE A 337 -41.66 -9.60 33.19
N PHE A 338 -40.66 -10.42 32.83
CA PHE A 338 -40.59 -11.11 31.55
C PHE A 338 -41.44 -12.36 31.47
N LYS A 339 -42.02 -12.84 32.59
CA LYS A 339 -42.87 -14.04 32.58
C LYS A 339 -44.02 -13.82 31.62
N ASN A 340 -44.08 -14.63 30.54
CA ASN A 340 -45.13 -14.53 29.52
C ASN A 340 -45.40 -15.88 28.77
N ASP A 341 -46.54 -15.95 28.06
CA ASP A 341 -46.99 -17.09 27.27
C ASP A 341 -47.03 -16.83 25.76
N GLN A 342 -46.13 -15.95 25.28
CA GLN A 342 -46.08 -15.60 23.86
C GLN A 342 -44.73 -15.90 23.21
N TRP A 343 -43.62 -15.75 23.99
CA TRP A 343 -42.24 -16.00 23.54
C TRP A 343 -41.30 -16.61 24.59
N ALA A 344 -40.27 -17.32 24.11
CA ALA A 344 -39.21 -17.90 24.91
C ALA A 344 -37.98 -17.07 24.56
N TRP A 345 -37.01 -16.90 25.50
CA TRP A 345 -35.82 -16.07 25.22
C TRP A 345 -35.03 -16.60 24.02
N GLU A 346 -34.95 -17.95 23.90
CA GLU A 346 -34.20 -18.69 22.88
C GLU A 346 -34.81 -18.63 21.45
N THR A 347 -36.08 -18.20 21.32
CA THR A 347 -36.76 -18.12 20.02
C THR A 347 -37.49 -16.74 19.80
N LEU A 348 -37.08 -15.68 20.53
CA LEU A 348 -37.71 -14.36 20.53
C LEU A 348 -37.62 -13.62 19.20
N ARG A 349 -36.43 -13.59 18.58
CA ARG A 349 -36.28 -12.86 17.32
C ARG A 349 -36.91 -13.62 16.12
N ASP A 350 -37.51 -14.79 16.39
CA ASP A 350 -38.26 -15.61 15.44
C ASP A 350 -39.78 -15.39 15.65
N THR A 351 -40.18 -14.73 16.79
CA THR A 351 -41.59 -14.41 17.04
C THR A 351 -41.99 -13.16 16.23
N VAL A 352 -43.32 -12.88 16.16
CA VAL A 352 -43.90 -11.75 15.41
C VAL A 352 -43.84 -10.45 16.25
N ALA A 353 -43.05 -9.48 15.79
CA ALA A 353 -42.84 -8.18 16.45
C ALA A 353 -44.18 -7.43 16.72
N PRO A 354 -44.33 -6.67 17.84
CA PRO A 354 -45.59 -5.95 18.11
C PRO A 354 -46.02 -4.90 17.08
N VAL A 355 -45.05 -4.30 16.35
CA VAL A 355 -45.30 -3.33 15.29
C VAL A 355 -44.53 -3.79 14.05
N VAL A 356 -45.25 -4.30 13.03
CA VAL A 356 -44.61 -4.75 11.80
C VAL A 356 -44.66 -3.60 10.80
N PRO A 357 -43.49 -3.03 10.37
CA PRO A 357 -43.55 -1.87 9.47
C PRO A 357 -44.22 -2.18 8.11
N ASP A 358 -45.22 -1.35 7.74
CA ASP A 358 -45.90 -1.40 6.44
C ASP A 358 -45.05 -0.48 5.55
N LEU A 359 -44.29 -1.09 4.62
CA LEU A 359 -43.37 -0.33 3.78
C LEU A 359 -43.72 -0.41 2.29
N SER A 360 -43.72 0.75 1.64
CA SER A 360 -44.08 0.95 0.25
C SER A 360 -43.03 0.49 -0.76
N SER A 361 -41.74 0.46 -0.37
CA SER A 361 -40.65 0.11 -1.29
C SER A 361 -39.40 -0.30 -0.55
N ASP A 362 -38.32 -0.58 -1.32
CA ASP A 362 -37.01 -0.88 -0.80
C ASP A 362 -36.38 0.42 -0.28
N ILE A 363 -36.92 1.57 -0.72
CA ILE A 363 -36.44 2.90 -0.29
C ILE A 363 -37.53 3.70 0.46
N ASP A 364 -38.48 3.01 1.13
CA ASP A 364 -39.51 3.66 1.95
C ASP A 364 -38.81 4.33 3.13
N THR A 365 -38.95 5.66 3.26
CA THR A 365 -38.31 6.43 4.33
C THR A 365 -39.33 7.15 5.22
N SER A 366 -40.53 6.53 5.38
CA SER A 366 -41.64 7.08 6.17
C SER A 366 -41.34 7.25 7.66
N ASN A 367 -40.48 6.39 8.23
CA ASN A 367 -40.14 6.43 9.65
C ASN A 367 -39.01 7.41 9.97
N PHE A 368 -38.58 8.18 8.98
CA PHE A 368 -37.51 9.15 9.14
C PHE A 368 -38.00 10.56 8.84
N ASP A 369 -37.82 11.47 9.84
CA ASP A 369 -38.26 12.85 9.76
C ASP A 369 -37.54 13.62 8.68
N ASP A 370 -38.25 14.55 8.02
CA ASP A 370 -37.68 15.36 6.95
C ASP A 370 -36.48 16.19 7.42
N LEU A 371 -35.34 15.99 6.74
CA LEU A 371 -34.07 16.64 6.97
C LEU A 371 -33.59 17.23 5.66
N GLU A 372 -32.78 18.31 5.78
CA GLU A 372 -32.20 19.07 4.66
C GLU A 372 -30.98 18.37 4.10
N GLU A 378 -18.77 22.55 2.41
CA GLU A 378 -18.55 22.29 3.84
C GLU A 378 -17.10 22.60 4.27
N GLU A 379 -16.89 23.02 5.54
CA GLU A 379 -15.57 23.42 6.05
C GLU A 379 -14.55 22.29 6.16
N THR A 380 -13.33 22.62 5.73
CA THR A 380 -12.18 21.75 5.57
C THR A 380 -10.87 22.41 6.04
N PHE A 381 -9.80 21.59 6.15
CA PHE A 381 -8.45 21.99 6.54
C PHE A 381 -7.87 23.06 5.62
N PRO A 382 -7.11 24.03 6.15
CA PRO A 382 -6.49 25.02 5.28
C PRO A 382 -5.28 24.43 4.55
N ILE A 383 -4.79 25.12 3.50
CA ILE A 383 -3.63 24.66 2.73
C ILE A 383 -2.39 24.79 3.62
N PRO A 384 -1.65 23.68 3.86
CA PRO A 384 -0.48 23.78 4.75
C PRO A 384 0.77 24.34 4.08
N LYS A 385 1.55 25.10 4.86
CA LYS A 385 2.81 25.71 4.40
C LYS A 385 3.94 24.67 4.47
N ALA A 386 3.83 23.66 5.37
CA ALA A 386 4.78 22.56 5.58
C ALA A 386 4.00 21.27 5.78
N PHE A 387 4.69 20.09 5.88
CA PHE A 387 4.02 18.79 6.04
C PHE A 387 3.28 18.69 7.37
N VAL A 388 1.98 18.40 7.30
CA VAL A 388 1.10 18.31 8.46
C VAL A 388 0.57 16.90 8.73
N GLY A 389 0.44 16.10 7.66
CA GLY A 389 -0.06 14.73 7.73
C GLY A 389 -1.46 14.57 8.30
N ASN A 390 -2.41 15.44 7.88
CA ASN A 390 -3.78 15.38 8.39
C ASN A 390 -4.56 14.08 8.04
N GLN A 391 -4.10 13.30 7.02
CA GLN A 391 -4.74 12.05 6.57
C GLN A 391 -4.17 10.79 7.28
N LEU A 392 -3.10 10.97 8.07
CA LEU A 392 -2.46 9.90 8.82
C LEU A 392 -3.37 9.27 9.91
N PRO A 393 -4.26 9.99 10.67
CA PRO A 393 -5.10 9.30 11.67
C PRO A 393 -6.19 8.41 11.11
N PHE A 394 -6.28 8.27 9.78
CA PHE A 394 -7.32 7.52 9.09
C PHE A 394 -6.83 6.33 8.20
N VAL A 395 -5.50 6.17 8.08
CA VAL A 395 -4.87 5.09 7.30
C VAL A 395 -5.30 3.73 7.88
N GLY A 396 -5.92 2.91 7.05
CA GLY A 396 -6.41 1.59 7.46
C GLY A 396 -7.90 1.43 7.76
N PHE A 397 -8.67 2.53 7.70
CA PHE A 397 -10.11 2.54 7.96
C PHE A 397 -10.88 1.82 6.85
N THR A 398 -10.26 1.60 5.69
CA THR A 398 -10.88 0.94 4.55
C THR A 398 -11.13 -0.55 4.82
N TYR A 399 -12.35 -1.01 4.46
CA TYR A 399 -12.89 -2.39 4.54
C TYR A 399 -13.57 -2.68 3.17
N TYR A 400 -12.82 -3.24 2.18
CA TYR A 400 -13.26 -3.53 0.79
C TYR A 400 -12.40 -4.66 0.14
N SER A 401 -11.08 -4.42 0.03
CA SER A 401 -10.13 -5.36 -0.55
C SER A 401 -10.03 -6.58 0.37
N ASN A 402 -9.66 -6.39 1.66
CA ASN A 402 -9.50 -7.47 2.65
C ASN A 402 -10.63 -7.49 3.66
N ARG A 403 -11.68 -8.33 3.40
CA ARG A 403 -12.91 -8.48 4.22
C ARG A 403 -13.18 -9.93 4.63
N ARG A 404 -13.83 -10.11 5.79
CA ARG A 404 -14.18 -11.42 6.34
C ARG A 404 -15.50 -11.91 5.74
N TYR A 405 -15.51 -13.15 5.21
CA TYR A 405 -16.70 -13.70 4.57
C TYR A 405 -17.30 -14.90 5.32
N MET B 5 -17.59 -0.55 -17.11
CA MET B 5 -17.28 -1.77 -16.35
C MET B 5 -18.31 -2.03 -15.24
N SER B 6 -18.32 -3.28 -14.74
CA SER B 6 -19.22 -3.70 -13.68
C SER B 6 -18.53 -3.57 -12.31
N PHE B 7 -19.31 -3.76 -11.21
CA PHE B 7 -18.80 -3.69 -9.83
C PHE B 7 -17.68 -4.71 -9.61
N GLU B 8 -17.94 -6.01 -9.92
CA GLU B 8 -17.01 -7.12 -9.82
C GLU B 8 -15.76 -6.84 -10.64
N THR B 9 -15.94 -6.46 -11.93
CA THR B 9 -14.84 -6.11 -12.85
C THR B 9 -13.83 -5.19 -12.15
N ARG B 10 -14.30 -4.03 -11.62
CA ARG B 10 -13.51 -3.03 -10.91
C ARG B 10 -12.73 -3.59 -9.70
N PHE B 11 -13.38 -4.55 -8.97
CA PHE B 11 -12.80 -5.22 -7.81
C PHE B 11 -11.64 -6.16 -8.30
N GLU B 12 -11.98 -7.06 -9.25
CA GLU B 12 -11.08 -8.05 -9.82
C GLU B 12 -9.92 -7.38 -10.50
N LYS B 13 -10.13 -6.22 -11.19
CA LYS B 13 -9.07 -5.40 -11.85
C LYS B 13 -8.08 -4.95 -10.79
N MET B 14 -8.60 -4.27 -9.73
CA MET B 14 -7.86 -3.77 -8.58
C MET B 14 -7.07 -4.90 -7.85
N ASP B 15 -7.71 -6.10 -7.71
CA ASP B 15 -7.15 -7.28 -7.04
C ASP B 15 -5.96 -7.79 -7.78
N ASN B 16 -6.07 -7.95 -9.11
CA ASN B 16 -4.97 -8.42 -9.95
C ASN B 16 -3.74 -7.48 -9.89
N LEU B 17 -3.98 -6.14 -9.92
CA LEU B 17 -2.98 -5.05 -9.81
C LEU B 17 -2.10 -5.17 -8.58
N LEU B 18 -2.62 -5.80 -7.51
CA LEU B 18 -1.84 -5.99 -6.28
C LEU B 18 -0.84 -7.14 -6.42
N ARG B 19 -1.10 -8.06 -7.39
CA ARG B 19 -0.38 -9.30 -7.73
C ARG B 19 0.57 -9.22 -8.96
N ASP B 20 0.45 -8.17 -9.79
CA ASP B 20 1.24 -7.99 -11.01
C ASP B 20 2.70 -7.55 -10.76
N PRO B 21 3.71 -8.31 -11.28
CA PRO B 21 5.12 -7.90 -11.11
C PRO B 21 5.50 -6.64 -11.89
N LYS B 22 4.66 -6.28 -12.87
CA LYS B 22 4.84 -5.06 -13.65
C LYS B 22 4.03 -3.89 -13.04
N SER B 23 3.16 -4.15 -12.04
CA SER B 23 2.37 -3.11 -11.40
C SER B 23 3.17 -2.19 -10.48
N GLU B 24 2.82 -0.89 -10.47
CA GLU B 24 3.44 0.15 -9.62
C GLU B 24 2.87 0.10 -8.21
N VAL B 25 1.72 -0.59 -8.05
CA VAL B 25 0.97 -0.70 -6.82
C VAL B 25 0.76 -2.18 -6.38
N ASN B 26 1.80 -2.99 -6.61
CA ASN B 26 1.91 -4.39 -6.22
C ASN B 26 2.02 -4.40 -4.69
N SER B 27 1.75 -5.55 -4.04
CA SER B 27 1.91 -5.70 -2.59
C SER B 27 3.27 -5.13 -2.11
N ASP B 28 4.35 -5.42 -2.86
CA ASP B 28 5.71 -5.01 -2.54
C ASP B 28 5.96 -3.51 -2.71
N CYS B 29 5.52 -2.88 -3.81
CA CYS B 29 5.70 -1.43 -4.02
C CYS B 29 5.03 -0.65 -2.90
N LEU B 30 3.85 -1.14 -2.41
CA LEU B 30 3.02 -0.57 -1.35
C LEU B 30 3.65 -0.69 0.03
N LEU B 31 4.37 -1.80 0.29
CA LEU B 31 5.09 -2.03 1.53
C LEU B 31 6.26 -1.06 1.61
N ASP B 32 6.89 -0.76 0.44
CA ASP B 32 7.99 0.20 0.33
C ASP B 32 7.51 1.58 0.77
N GLY B 33 6.31 1.97 0.31
CA GLY B 33 5.66 3.22 0.64
C GLY B 33 5.51 3.47 2.12
N LEU B 34 5.09 2.44 2.86
CA LEU B 34 4.94 2.52 4.30
C LEU B 34 6.31 2.57 4.98
N ASP B 35 7.22 1.66 4.61
CA ASP B 35 8.60 1.55 5.12
C ASP B 35 9.36 2.91 4.98
N ALA B 36 9.12 3.62 3.85
CA ALA B 36 9.73 4.91 3.53
C ALA B 36 9.20 6.02 4.44
N LEU B 37 7.85 6.13 4.49
CA LEU B 37 7.13 7.12 5.30
C LEU B 37 7.62 7.08 6.75
N VAL B 38 7.79 5.87 7.31
CA VAL B 38 8.25 5.63 8.68
C VAL B 38 9.74 6.04 8.87
N TYR B 39 10.62 5.75 7.87
CA TYR B 39 12.06 6.14 7.92
C TYR B 39 12.20 7.67 7.94
N ASP B 40 11.50 8.37 7.01
CA ASP B 40 11.51 9.85 6.85
C ASP B 40 10.71 10.61 7.92
N LEU B 41 10.03 9.91 8.84
CA LEU B 41 9.25 10.58 9.88
C LEU B 41 9.75 10.32 11.30
N ASP B 42 10.61 9.29 11.51
CA ASP B 42 11.09 9.00 12.86
C ASP B 42 12.24 9.93 13.34
N PHE B 43 11.93 11.22 13.56
CA PHE B 43 12.87 12.22 14.05
C PHE B 43 12.17 13.01 15.12
N PRO B 44 12.90 13.52 16.15
CA PRO B 44 12.21 14.22 17.26
C PRO B 44 11.52 15.53 16.87
N ALA B 45 12.09 16.24 15.88
CA ALA B 45 11.60 17.51 15.32
C ALA B 45 10.15 17.37 14.81
N LEU B 46 9.93 16.36 13.94
CA LEU B 46 8.68 15.99 13.27
C LEU B 46 7.68 15.33 14.22
N ARG B 47 8.17 14.60 15.25
CA ARG B 47 7.35 13.92 16.24
C ARG B 47 6.62 14.88 17.17
N LYS B 48 6.96 16.20 17.11
CA LYS B 48 6.29 17.27 17.87
C LYS B 48 4.87 17.42 17.37
N ASN B 49 4.65 17.09 16.07
CA ASN B 49 3.35 17.03 15.39
C ASN B 49 2.68 15.74 15.87
N LYS B 50 1.49 15.84 16.50
CA LYS B 50 0.79 14.67 17.04
C LYS B 50 0.40 13.64 15.98
N ASN B 51 -0.13 14.10 14.82
CA ASN B 51 -0.47 13.22 13.71
C ASN B 51 0.71 12.31 13.43
N ILE B 52 1.91 12.90 13.31
CA ILE B 52 3.16 12.19 13.02
C ILE B 52 3.54 11.25 14.17
N ASP B 53 3.50 11.73 15.43
CA ASP B 53 3.84 10.92 16.61
C ASP B 53 2.91 9.71 16.78
N ASN B 54 1.59 9.96 16.80
CA ASN B 54 0.55 8.94 16.96
C ASN B 54 0.62 7.88 15.87
N PHE B 55 0.88 8.30 14.63
CA PHE B 55 1.02 7.42 13.50
C PHE B 55 2.18 6.46 13.76
N LEU B 56 3.38 7.02 14.06
CA LEU B 56 4.58 6.25 14.31
C LEU B 56 4.44 5.25 15.43
N SER B 57 3.86 5.69 16.56
CA SER B 57 3.59 4.85 17.73
C SER B 57 2.69 3.68 17.33
N ARG B 58 1.57 3.98 16.63
CA ARG B 58 0.60 3.01 16.13
C ARG B 58 1.24 1.94 15.24
N TYR B 59 2.12 2.35 14.33
CA TYR B 59 2.74 1.41 13.41
C TYR B 59 4.14 0.92 13.85
N LYS B 60 4.49 1.01 15.16
CA LYS B 60 5.82 0.57 15.63
C LYS B 60 6.05 -0.94 15.51
N ASP B 61 5.28 -1.74 16.28
CA ASP B 61 5.36 -3.20 16.34
C ASP B 61 5.27 -3.87 14.96
N THR B 62 4.36 -3.34 14.13
CA THR B 62 4.08 -3.79 12.78
C THR B 62 5.27 -3.54 11.84
N ILE B 63 5.73 -2.28 11.71
CA ILE B 63 6.85 -1.91 10.83
C ILE B 63 8.10 -2.75 11.12
N ASN B 64 8.31 -3.11 12.39
CA ASN B 64 9.45 -3.90 12.81
C ASN B 64 9.36 -5.32 12.28
N LYS B 65 8.19 -5.98 12.49
CA LYS B 65 7.91 -7.35 12.06
C LYS B 65 8.25 -7.51 10.57
N ILE B 66 7.75 -6.58 9.73
CA ILE B 66 7.99 -6.53 8.30
C ILE B 66 9.49 -6.41 8.03
N ARG B 67 10.18 -5.42 8.65
CA ARG B 67 11.61 -5.15 8.52
C ARG B 67 12.48 -6.41 8.76
N ASP B 68 11.98 -7.31 9.59
CA ASP B 68 12.63 -8.56 9.93
C ASP B 68 12.22 -9.73 9.00
N LEU B 69 10.95 -9.72 8.47
CA LEU B 69 10.42 -10.80 7.60
C LEU B 69 10.81 -10.70 6.16
N ARG B 70 10.76 -9.48 5.61
CA ARG B 70 11.13 -9.16 4.23
C ARG B 70 12.63 -9.43 3.98
N MET B 71 13.02 -9.69 2.71
CA MET B 71 14.40 -9.93 2.30
C MET B 71 15.26 -8.75 2.71
N LYS B 72 16.39 -9.07 3.38
CA LYS B 72 17.39 -8.13 3.91
C LYS B 72 18.80 -8.62 3.57
N ALA B 73 19.76 -7.69 3.60
CA ALA B 73 21.17 -7.94 3.26
C ALA B 73 21.84 -9.01 4.14
N GLU B 74 21.44 -9.10 5.42
CA GLU B 74 21.97 -10.08 6.37
C GLU B 74 21.49 -11.52 6.08
N ASP B 75 20.73 -11.71 4.99
CA ASP B 75 20.24 -13.00 4.53
C ASP B 75 21.31 -13.63 3.63
N TYR B 76 22.33 -12.85 3.26
CA TYR B 76 23.40 -13.30 2.37
C TYR B 76 24.77 -13.21 3.01
N GLU B 77 25.61 -14.21 2.71
CA GLU B 77 27.01 -14.35 3.13
C GLU B 77 27.86 -13.80 1.95
N VAL B 78 28.65 -12.74 2.18
CA VAL B 78 29.47 -12.16 1.09
C VAL B 78 30.81 -12.95 0.94
N VAL B 79 31.03 -13.46 -0.29
CA VAL B 79 32.14 -14.33 -0.68
C VAL B 79 33.34 -13.53 -1.20
N LYS B 80 33.12 -12.45 -1.98
CA LYS B 80 34.20 -11.62 -2.55
C LYS B 80 33.61 -10.37 -3.20
N VAL B 81 34.41 -9.27 -3.27
CA VAL B 81 33.97 -8.05 -3.97
C VAL B 81 34.52 -8.20 -5.39
N ILE B 82 33.65 -8.60 -6.33
CA ILE B 82 34.07 -8.88 -7.71
C ILE B 82 34.09 -7.61 -8.59
N GLY B 83 33.76 -6.45 -8.01
CA GLY B 83 33.68 -5.21 -8.77
C GLY B 83 33.35 -3.99 -7.94
N ARG B 84 33.55 -2.83 -8.58
CA ARG B 84 33.29 -1.49 -8.06
C ARG B 84 32.90 -0.57 -9.22
N GLY B 85 32.06 0.41 -8.90
CA GLY B 85 31.53 1.41 -9.82
C GLY B 85 31.39 2.75 -9.14
N ALA B 86 30.55 3.64 -9.73
CA ALA B 86 30.32 5.00 -9.23
C ALA B 86 29.66 5.06 -7.85
N PHE B 87 28.41 4.55 -7.80
CA PHE B 87 27.55 4.57 -6.62
C PHE B 87 27.51 3.26 -5.83
N GLY B 88 28.52 2.42 -5.93
CA GLY B 88 28.52 1.19 -5.15
C GLY B 88 29.51 0.13 -5.58
N GLU B 89 29.22 -1.11 -5.20
CA GLU B 89 30.04 -2.30 -5.50
C GLU B 89 29.20 -3.52 -5.83
N VAL B 90 29.79 -4.46 -6.58
CA VAL B 90 29.13 -5.72 -6.96
C VAL B 90 29.84 -6.79 -6.18
N GLN B 91 29.10 -7.77 -5.62
CA GLN B 91 29.74 -8.82 -4.83
C GLN B 91 29.13 -10.22 -5.02
N LEU B 92 30.03 -11.22 -5.03
CA LEU B 92 29.65 -12.63 -5.13
C LEU B 92 29.09 -13.03 -3.73
N VAL B 93 27.83 -13.45 -3.68
CA VAL B 93 27.16 -13.80 -2.40
C VAL B 93 26.54 -15.17 -2.41
N ARG B 94 26.21 -15.68 -1.23
CA ARG B 94 25.51 -16.95 -1.04
C ARG B 94 24.33 -16.70 -0.10
N HIS B 95 23.10 -16.96 -0.59
CA HIS B 95 21.91 -16.81 0.23
C HIS B 95 22.02 -17.88 1.33
N LYS B 96 22.17 -17.42 2.60
CA LYS B 96 22.39 -18.27 3.79
C LYS B 96 21.41 -19.44 3.92
N SER B 97 20.09 -19.25 3.63
CA SER B 97 19.09 -20.34 3.72
C SER B 97 19.18 -21.34 2.56
N THR B 98 18.91 -20.87 1.32
CA THR B 98 18.88 -21.70 0.10
C THR B 98 20.24 -22.28 -0.27
N ARG B 99 21.30 -21.55 0.11
CA ARG B 99 22.73 -21.81 -0.16
C ARG B 99 23.09 -21.53 -1.62
N LYS B 100 22.15 -20.88 -2.35
CA LYS B 100 22.28 -20.51 -3.77
C LYS B 100 23.23 -19.32 -3.99
N VAL B 101 24.02 -19.35 -5.09
CA VAL B 101 25.05 -18.32 -5.38
C VAL B 101 24.61 -17.26 -6.44
N TYR B 102 24.81 -15.97 -6.11
CA TYR B 102 24.41 -14.86 -6.95
C TYR B 102 25.41 -13.69 -6.94
N ALA B 103 25.26 -12.79 -7.91
CA ALA B 103 25.99 -11.54 -8.00
C ALA B 103 25.02 -10.43 -7.48
N MET B 104 25.50 -9.66 -6.51
CA MET B 104 24.67 -8.62 -5.92
C MET B 104 25.29 -7.22 -6.08
N LYS B 105 24.64 -6.35 -6.89
CA LYS B 105 25.05 -4.96 -7.10
C LYS B 105 24.36 -4.09 -6.03
N LEU B 106 25.18 -3.28 -5.30
CA LEU B 106 24.74 -2.39 -4.23
C LEU B 106 24.78 -0.95 -4.74
N LEU B 107 23.77 -0.11 -4.40
CA LEU B 107 23.76 1.30 -4.80
C LEU B 107 23.52 2.20 -3.60
N SER B 108 24.47 3.13 -3.32
CA SER B 108 24.40 4.08 -2.19
C SER B 108 23.33 5.15 -2.36
N LYS B 109 22.34 5.11 -1.44
CA LYS B 109 21.21 6.06 -1.41
C LYS B 109 21.70 7.46 -1.13
N PHE B 110 22.58 7.63 -0.12
CA PHE B 110 23.09 8.96 0.18
C PHE B 110 23.83 9.57 -1.04
N GLU B 111 24.81 8.84 -1.57
CA GLU B 111 25.59 9.24 -2.73
C GLU B 111 24.70 9.61 -3.92
N MET B 112 23.75 8.75 -4.29
CA MET B 112 22.81 9.01 -5.40
C MET B 112 22.09 10.34 -5.29
N ILE B 113 21.60 10.69 -4.08
CA ILE B 113 20.93 11.96 -3.80
C ILE B 113 21.93 13.14 -3.93
N LYS B 114 23.10 13.04 -3.24
CA LYS B 114 24.18 14.03 -3.22
C LYS B 114 24.60 14.42 -4.62
N ARG B 115 24.88 13.38 -5.45
CA ARG B 115 25.31 13.47 -6.84
C ARG B 115 24.16 13.70 -7.84
N SER B 116 22.96 14.07 -7.33
CA SER B 116 21.71 14.39 -8.05
C SER B 116 21.15 13.27 -8.95
N ASP B 117 21.92 12.20 -9.20
CA ASP B 117 21.57 11.05 -10.05
C ASP B 117 20.82 9.95 -9.26
N SER B 118 19.45 9.92 -9.34
CA SER B 118 18.63 8.98 -8.55
C SER B 118 17.37 8.49 -9.28
N ALA B 119 17.56 7.99 -10.54
CA ALA B 119 16.47 7.45 -11.40
C ALA B 119 16.96 6.44 -12.48
N PHE B 120 18.30 6.24 -12.66
CA PHE B 120 18.85 5.34 -13.68
C PHE B 120 18.47 3.89 -13.46
N PHE B 121 18.57 3.42 -12.21
CA PHE B 121 18.28 2.07 -11.74
C PHE B 121 16.93 1.50 -12.23
N TRP B 122 15.90 2.36 -12.40
CA TRP B 122 14.57 1.93 -12.87
C TRP B 122 14.71 1.12 -14.16
N GLU B 123 15.35 1.70 -15.19
CA GLU B 123 15.61 1.09 -16.49
C GLU B 123 16.38 -0.24 -16.33
N GLU B 124 17.46 -0.23 -15.52
CA GLU B 124 18.29 -1.41 -15.20
C GLU B 124 17.47 -2.54 -14.55
N ARG B 125 16.50 -2.19 -13.69
CA ARG B 125 15.66 -3.15 -12.97
C ARG B 125 14.72 -3.89 -13.90
N ASP B 126 13.92 -3.15 -14.67
CA ASP B 126 12.91 -3.69 -15.59
C ASP B 126 13.52 -4.53 -16.65
N ILE B 127 14.72 -4.09 -17.11
CA ILE B 127 15.37 -4.82 -18.18
C ILE B 127 15.75 -6.21 -17.66
N MET B 128 16.53 -6.26 -16.59
CA MET B 128 17.01 -7.51 -16.03
C MET B 128 15.88 -8.41 -15.48
N ALA B 129 14.81 -7.78 -14.94
CA ALA B 129 13.67 -8.48 -14.32
C ALA B 129 12.81 -9.18 -15.34
N PHE B 130 12.44 -8.45 -16.40
CA PHE B 130 11.48 -8.96 -17.37
C PHE B 130 12.01 -9.25 -18.78
N ALA B 131 13.33 -9.05 -19.05
CA ALA B 131 13.84 -9.30 -20.40
C ALA B 131 13.55 -10.72 -20.87
N ASN B 132 13.82 -11.70 -20.01
CA ASN B 132 13.65 -13.12 -20.30
C ASN B 132 14.24 -13.49 -21.67
N SER B 133 15.55 -13.16 -21.83
CA SER B 133 16.38 -13.42 -23.00
C SER B 133 17.65 -14.10 -22.54
N PRO B 134 18.21 -15.05 -23.34
CA PRO B 134 19.48 -15.65 -22.95
C PRO B 134 20.64 -14.63 -23.06
N TRP B 135 20.35 -13.43 -23.63
CA TRP B 135 21.32 -12.36 -23.86
C TRP B 135 21.34 -11.33 -22.75
N VAL B 136 20.40 -11.43 -21.82
CA VAL B 136 20.33 -10.47 -20.72
C VAL B 136 20.55 -11.14 -19.36
N VAL B 137 21.42 -10.56 -18.51
CA VAL B 137 21.67 -11.02 -17.14
C VAL B 137 20.37 -10.91 -16.35
N GLN B 138 19.96 -12.05 -15.73
CA GLN B 138 18.69 -12.18 -15.01
C GLN B 138 18.66 -11.67 -13.56
N LEU B 139 17.68 -10.78 -13.26
CA LEU B 139 17.40 -10.25 -11.92
C LEU B 139 16.41 -11.22 -11.23
N PHE B 140 16.77 -11.77 -10.05
CA PHE B 140 15.94 -12.70 -9.28
C PHE B 140 15.21 -12.00 -8.16
N TYR B 141 15.88 -11.06 -7.47
CA TYR B 141 15.35 -10.29 -6.37
C TYR B 141 15.95 -8.89 -6.37
N ALA B 142 15.15 -7.90 -5.98
CA ALA B 142 15.57 -6.51 -5.81
C ALA B 142 14.97 -6.06 -4.49
N PHE B 143 15.81 -5.51 -3.61
CA PHE B 143 15.33 -5.05 -2.32
C PHE B 143 16.06 -3.81 -1.87
N GLN B 144 15.78 -3.35 -0.65
CA GLN B 144 16.38 -2.13 -0.11
C GLN B 144 16.28 -2.02 1.40
N ASP B 145 16.86 -0.93 1.90
CA ASP B 145 16.87 -0.43 3.28
C ASP B 145 17.13 1.08 3.23
N ASP B 146 17.20 1.77 4.40
CA ASP B 146 17.41 3.23 4.46
C ASP B 146 18.71 3.70 3.77
N ARG B 147 19.66 2.78 3.48
CA ARG B 147 20.99 3.13 2.96
C ARG B 147 21.34 2.61 1.56
N TYR B 148 20.89 1.39 1.19
CA TYR B 148 21.23 0.82 -0.13
C TYR B 148 20.09 0.20 -0.92
N LEU B 149 20.33 0.05 -2.26
CA LEU B 149 19.50 -0.67 -3.22
C LEU B 149 20.30 -1.94 -3.50
N TYR B 150 19.60 -3.08 -3.68
CA TYR B 150 20.26 -4.36 -3.92
C TYR B 150 19.67 -5.07 -5.13
N MET B 151 20.54 -5.59 -6.02
CA MET B 151 20.13 -6.30 -7.22
C MET B 151 20.74 -7.68 -7.23
N VAL B 152 19.92 -8.70 -6.97
CA VAL B 152 20.37 -10.10 -6.91
C VAL B 152 20.20 -10.75 -8.30
N MET B 153 21.35 -10.89 -9.04
CA MET B 153 21.41 -11.43 -10.41
C MET B 153 22.13 -12.79 -10.49
N GLU B 154 22.05 -13.51 -11.64
CA GLU B 154 22.80 -14.76 -11.80
C GLU B 154 24.26 -14.42 -12.08
N TYR B 155 25.18 -15.06 -11.36
CA TYR B 155 26.62 -14.80 -11.47
C TYR B 155 27.22 -15.29 -12.79
N MET B 156 27.95 -14.38 -13.49
CA MET B 156 28.64 -14.66 -14.75
C MET B 156 30.10 -15.03 -14.43
N PRO B 157 30.43 -16.33 -14.34
CA PRO B 157 31.78 -16.71 -13.91
C PRO B 157 32.92 -16.43 -14.90
N GLY B 158 32.62 -16.30 -16.19
CA GLY B 158 33.63 -16.09 -17.23
C GLY B 158 34.32 -14.73 -17.31
N GLY B 159 33.86 -13.76 -16.54
CA GLY B 159 34.45 -12.42 -16.62
C GLY B 159 33.99 -11.59 -17.81
N ASP B 160 34.57 -10.37 -17.98
CA ASP B 160 34.22 -9.46 -19.08
C ASP B 160 35.19 -9.50 -20.23
N LEU B 161 34.82 -8.77 -21.29
CA LEU B 161 35.59 -8.73 -22.53
C LEU B 161 36.86 -7.92 -22.40
N VAL B 162 36.95 -7.09 -21.34
CA VAL B 162 38.14 -6.28 -21.05
C VAL B 162 39.26 -7.24 -20.63
N ASN B 163 38.93 -8.20 -19.75
CA ASN B 163 39.82 -9.27 -19.31
C ASN B 163 40.23 -10.16 -20.50
N LEU B 164 39.27 -10.52 -21.40
CA LEU B 164 39.60 -11.37 -22.55
C LEU B 164 40.60 -10.69 -23.46
N MET B 165 40.28 -9.46 -23.85
CA MET B 165 41.08 -8.65 -24.76
C MET B 165 42.47 -8.40 -24.22
N SER B 166 42.57 -8.33 -22.87
CA SER B 166 43.83 -8.12 -22.15
C SER B 166 44.69 -9.39 -22.07
N ASN B 167 44.11 -10.59 -22.33
CA ASN B 167 44.86 -11.84 -22.22
C ASN B 167 45.14 -12.53 -23.54
N TYR B 168 44.55 -12.02 -24.64
CA TYR B 168 44.75 -12.61 -25.96
C TYR B 168 44.86 -11.56 -27.02
N ASP B 169 45.65 -11.84 -28.06
CA ASP B 169 45.64 -11.01 -29.27
C ASP B 169 44.42 -11.64 -29.94
N VAL B 170 43.30 -10.93 -30.03
CA VAL B 170 42.05 -11.53 -30.53
C VAL B 170 42.11 -11.86 -32.03
N PRO B 171 42.01 -13.15 -32.43
CA PRO B 171 41.96 -13.45 -33.86
C PRO B 171 40.59 -13.07 -34.45
N GLU B 172 40.55 -12.84 -35.77
CA GLU B 172 39.35 -12.41 -36.48
C GLU B 172 38.18 -13.40 -36.34
N LYS B 173 38.45 -14.73 -36.30
CA LYS B 173 37.41 -15.75 -36.12
C LYS B 173 36.59 -15.41 -34.86
N TRP B 174 37.29 -15.20 -33.72
CA TRP B 174 36.75 -14.86 -32.40
C TRP B 174 36.01 -13.52 -32.44
N ALA B 175 36.64 -12.47 -33.03
CA ALA B 175 36.07 -11.13 -33.15
C ALA B 175 34.72 -11.19 -33.86
N ARG B 176 34.59 -12.07 -34.89
CA ARG B 176 33.33 -12.27 -35.61
C ARG B 176 32.27 -12.83 -34.66
N PHE B 177 32.62 -13.91 -33.91
CA PHE B 177 31.74 -14.55 -32.94
C PHE B 177 31.22 -13.54 -31.91
N TYR B 178 32.16 -12.87 -31.18
CA TYR B 178 31.81 -11.88 -30.14
C TYR B 178 31.00 -10.69 -30.69
N THR B 179 31.33 -10.17 -31.90
CA THR B 179 30.56 -9.07 -32.50
C THR B 179 29.11 -9.51 -32.76
N ALA B 180 28.93 -10.66 -33.46
CA ALA B 180 27.65 -11.28 -33.78
C ALA B 180 26.76 -11.43 -32.51
N GLU B 181 27.31 -12.00 -31.41
CA GLU B 181 26.59 -12.17 -30.16
C GLU B 181 26.17 -10.80 -29.57
N VAL B 182 27.02 -9.76 -29.71
CA VAL B 182 26.71 -8.41 -29.25
C VAL B 182 25.52 -7.89 -30.09
N VAL B 183 25.61 -8.05 -31.41
CA VAL B 183 24.57 -7.66 -32.37
C VAL B 183 23.21 -8.29 -32.00
N LEU B 184 23.20 -9.62 -31.74
CA LEU B 184 21.95 -10.32 -31.35
C LEU B 184 21.37 -9.77 -30.04
N ALA B 185 22.24 -9.51 -29.04
CA ALA B 185 21.89 -9.02 -27.71
C ALA B 185 21.40 -7.58 -27.73
N LEU B 186 22.08 -6.69 -28.48
CA LEU B 186 21.65 -5.30 -28.60
C LEU B 186 20.27 -5.26 -29.23
N ASP B 187 20.04 -6.10 -30.24
CA ASP B 187 18.77 -6.23 -30.93
C ASP B 187 17.63 -6.64 -29.97
N ALA B 188 17.92 -7.51 -28.99
CA ALA B 188 16.97 -7.99 -27.99
C ALA B 188 16.48 -6.85 -27.08
N ILE B 189 17.42 -5.95 -26.70
CA ILE B 189 17.19 -4.76 -25.89
C ILE B 189 16.34 -3.76 -26.70
N HIS B 190 16.72 -3.55 -27.98
CA HIS B 190 16.02 -2.67 -28.90
C HIS B 190 14.59 -3.13 -29.04
N SER B 191 14.38 -4.48 -29.12
CA SER B 191 13.07 -5.11 -29.25
C SER B 191 12.21 -4.96 -27.99
N MET B 192 12.82 -4.51 -26.90
CA MET B 192 12.13 -4.22 -25.64
C MET B 192 11.89 -2.71 -25.58
N GLY B 193 12.23 -2.02 -26.66
CA GLY B 193 12.07 -0.58 -26.83
C GLY B 193 13.10 0.25 -26.07
N PHE B 194 14.34 -0.26 -26.00
CA PHE B 194 15.40 0.42 -25.28
C PHE B 194 16.63 0.70 -26.09
N ILE B 195 17.28 1.82 -25.79
CA ILE B 195 18.56 2.26 -26.36
C ILE B 195 19.63 2.23 -25.20
N HIS B 196 20.77 1.47 -25.38
CA HIS B 196 21.82 1.34 -24.36
C HIS B 196 22.66 2.65 -24.14
N ARG B 197 23.02 3.33 -25.26
CA ARG B 197 23.76 4.59 -25.38
C ARG B 197 25.30 4.50 -25.10
N ASP B 198 25.73 3.63 -24.15
CA ASP B 198 27.14 3.48 -23.81
C ASP B 198 27.58 2.00 -23.71
N VAL B 199 27.52 1.29 -24.85
CA VAL B 199 27.95 -0.10 -24.95
C VAL B 199 29.47 -0.17 -24.89
N LYS B 200 30.00 -0.98 -23.97
CA LYS B 200 31.46 -1.15 -23.82
C LYS B 200 31.81 -2.58 -23.39
N PRO B 201 33.07 -3.01 -23.61
CA PRO B 201 33.50 -4.38 -23.21
C PRO B 201 33.24 -4.73 -21.77
N ASP B 202 33.22 -3.71 -20.88
CA ASP B 202 32.92 -3.76 -19.44
C ASP B 202 31.49 -4.24 -19.22
N ASN B 203 30.60 -4.02 -20.22
CA ASN B 203 29.19 -4.40 -20.17
C ASN B 203 28.93 -5.76 -20.80
N MET B 204 29.96 -6.37 -21.41
CA MET B 204 29.83 -7.67 -22.09
C MET B 204 30.38 -8.78 -21.16
N LEU B 205 29.49 -9.67 -20.63
CA LEU B 205 29.92 -10.73 -19.72
C LEU B 205 29.81 -12.11 -20.29
N LEU B 206 30.59 -13.05 -19.74
CA LEU B 206 30.63 -14.42 -20.20
C LEU B 206 30.08 -15.40 -19.18
N ASP B 207 29.11 -16.23 -19.64
CA ASP B 207 28.47 -17.28 -18.86
C ASP B 207 29.45 -18.48 -18.64
N LYS B 208 28.99 -19.54 -17.94
CA LYS B 208 29.83 -20.71 -17.70
C LYS B 208 30.29 -21.39 -19.00
N SER B 209 29.57 -21.20 -20.11
CA SER B 209 29.84 -21.81 -21.41
C SER B 209 30.67 -20.93 -22.31
N GLY B 210 30.93 -19.71 -21.86
CA GLY B 210 31.69 -18.75 -22.64
C GLY B 210 30.87 -17.91 -23.59
N HIS B 211 29.52 -17.90 -23.43
CA HIS B 211 28.61 -17.11 -24.27
C HIS B 211 28.28 -15.75 -23.63
N LEU B 212 27.99 -14.78 -24.50
CA LEU B 212 27.75 -13.40 -24.10
C LEU B 212 26.38 -13.15 -23.45
N LYS B 213 26.36 -12.14 -22.59
CA LYS B 213 25.22 -11.57 -21.87
C LYS B 213 25.60 -10.13 -21.53
N LEU B 214 24.64 -9.22 -21.70
CA LEU B 214 24.86 -7.81 -21.41
C LEU B 214 24.51 -7.55 -19.96
N ALA B 215 25.28 -6.68 -19.31
CA ALA B 215 25.10 -6.29 -17.91
C ALA B 215 25.39 -4.79 -17.69
N ASP B 216 24.97 -4.22 -16.51
CA ASP B 216 25.13 -2.79 -16.18
C ASP B 216 24.35 -1.89 -17.17
N PHE B 217 23.00 -1.86 -17.01
CA PHE B 217 22.07 -1.09 -17.85
C PHE B 217 21.79 0.32 -17.32
N GLY B 218 22.84 0.94 -16.77
CA GLY B 218 22.82 2.29 -16.21
C GLY B 218 22.32 3.37 -17.14
N THR B 219 23.04 3.57 -18.27
CA THR B 219 22.75 4.56 -19.32
C THR B 219 21.53 4.27 -20.25
N CYS B 220 20.90 3.07 -20.13
CA CYS B 220 19.74 2.67 -20.94
C CYS B 220 18.59 3.64 -20.84
N MET B 221 17.76 3.72 -21.90
CA MET B 221 16.58 4.59 -21.91
C MET B 221 15.46 4.05 -22.79
N LYS B 222 14.17 4.31 -22.40
CA LYS B 222 12.98 3.89 -23.18
C LYS B 222 12.74 4.83 -24.33
N MET B 223 12.51 4.26 -25.52
CA MET B 223 12.29 5.03 -26.72
C MET B 223 10.84 5.52 -26.76
N ASN B 224 10.63 6.59 -27.56
CA ASN B 224 9.32 7.20 -27.78
C ASN B 224 8.63 6.48 -28.95
N LYS B 225 7.40 6.93 -29.33
CA LYS B 225 6.59 6.37 -30.42
C LYS B 225 7.35 6.24 -31.77
N GLU B 226 8.28 7.16 -32.04
CA GLU B 226 9.10 7.20 -33.25
C GLU B 226 10.41 6.36 -33.09
N GLY B 227 10.55 5.64 -31.96
CA GLY B 227 11.73 4.84 -31.62
C GLY B 227 12.95 5.71 -31.31
N MET B 228 12.66 6.90 -30.74
CA MET B 228 13.63 7.96 -30.46
C MET B 228 13.71 8.35 -28.98
N VAL B 229 14.83 9.02 -28.62
CA VAL B 229 15.12 9.44 -27.24
C VAL B 229 15.92 10.76 -27.20
N ARG B 230 15.64 11.56 -26.17
CA ARG B 230 16.21 12.86 -25.89
C ARG B 230 16.91 12.83 -24.53
N CYS B 231 17.95 13.67 -24.38
CA CYS B 231 18.76 13.79 -23.16
C CYS B 231 19.64 15.04 -23.24
N ASP B 232 20.44 15.25 -22.17
CA ASP B 232 21.51 16.22 -21.92
C ASP B 232 22.02 15.89 -20.52
N THR B 233 22.99 14.97 -20.48
CA THR B 233 23.60 14.45 -19.25
C THR B 233 25.11 14.43 -19.34
N ALA B 234 25.79 14.25 -18.19
CA ALA B 234 27.24 14.21 -18.16
C ALA B 234 27.79 12.91 -18.75
N VAL B 235 28.61 13.06 -19.80
CA VAL B 235 29.26 11.93 -20.46
C VAL B 235 30.34 11.40 -19.53
N GLY B 236 30.44 10.07 -19.45
CA GLY B 236 31.47 9.42 -18.65
C GLY B 236 32.76 9.48 -19.43
N THR B 237 33.27 8.31 -19.80
CA THR B 237 34.44 8.28 -20.65
C THR B 237 33.92 8.28 -22.11
N PRO B 238 34.26 9.33 -22.90
CA PRO B 238 33.71 9.45 -24.26
C PRO B 238 34.03 8.36 -25.27
N ASP B 239 35.09 7.59 -24.98
CA ASP B 239 35.71 6.56 -25.80
C ASP B 239 34.76 5.68 -26.62
N TYR B 240 33.64 5.23 -26.05
CA TYR B 240 32.73 4.34 -26.81
C TYR B 240 31.45 4.98 -27.36
N ILE B 241 31.13 6.21 -26.96
CA ILE B 241 29.92 6.97 -27.35
C ILE B 241 29.90 7.53 -28.82
N SER B 242 28.70 7.46 -29.46
CA SER B 242 28.36 8.01 -30.79
C SER B 242 28.46 9.56 -30.83
N PRO B 243 28.81 10.17 -32.00
CA PRO B 243 29.00 11.64 -32.03
C PRO B 243 27.79 12.42 -31.68
N GLU B 244 26.61 11.96 -32.11
CA GLU B 244 25.31 12.59 -31.86
C GLU B 244 24.89 12.57 -30.37
N VAL B 245 25.33 11.57 -29.60
CA VAL B 245 25.02 11.51 -28.17
C VAL B 245 25.87 12.58 -27.46
N LEU B 246 27.14 12.76 -27.87
CA LEU B 246 28.04 13.80 -27.34
C LEU B 246 27.56 15.20 -27.75
N LYS B 247 27.04 15.32 -29.00
CA LYS B 247 26.48 16.54 -29.61
C LYS B 247 25.22 16.98 -28.88
N SER B 248 24.70 16.18 -27.90
CA SER B 248 23.46 16.47 -27.18
C SER B 248 23.63 17.09 -25.79
N TYR B 255 17.91 11.52 -30.99
CA TYR B 255 18.61 10.40 -31.59
C TYR B 255 17.89 9.05 -31.39
N GLY B 256 18.25 8.07 -32.22
CA GLY B 256 17.72 6.70 -32.18
C GLY B 256 18.78 5.64 -31.94
N ARG B 257 18.38 4.36 -32.00
CA ARG B 257 19.20 3.17 -31.76
C ARG B 257 20.46 3.03 -32.65
N GLU B 258 20.64 3.90 -33.65
CA GLU B 258 21.82 3.91 -34.54
C GLU B 258 23.10 4.10 -33.69
N CYS B 259 22.98 4.84 -32.57
CA CYS B 259 24.06 5.12 -31.63
C CYS B 259 24.73 3.85 -31.07
N ASP B 260 23.92 2.82 -30.74
CA ASP B 260 24.46 1.55 -30.24
C ASP B 260 25.34 0.84 -31.29
N TRP B 261 25.00 1.00 -32.58
CA TRP B 261 25.79 0.41 -33.67
C TRP B 261 27.14 1.08 -33.86
N TRP B 262 27.25 2.39 -33.51
CA TRP B 262 28.51 3.13 -33.58
C TRP B 262 29.52 2.46 -32.61
N SER B 263 29.06 2.19 -31.37
CA SER B 263 29.82 1.54 -30.32
C SER B 263 30.30 0.13 -30.76
N VAL B 264 29.45 -0.66 -31.48
CA VAL B 264 29.84 -1.99 -31.98
C VAL B 264 31.11 -1.89 -32.87
N GLY B 265 31.14 -0.89 -33.75
CA GLY B 265 32.29 -0.61 -34.62
C GLY B 265 33.55 -0.30 -33.84
N VAL B 266 33.41 0.43 -32.69
CA VAL B 266 34.52 0.80 -31.78
C VAL B 266 35.12 -0.48 -31.09
N PHE B 267 34.23 -1.44 -30.70
CA PHE B 267 34.54 -2.74 -30.08
C PHE B 267 35.24 -3.64 -31.08
N LEU B 268 34.67 -3.72 -32.32
CA LEU B 268 35.28 -4.50 -33.39
C LEU B 268 36.67 -3.95 -33.76
N TYR B 269 36.85 -2.59 -33.76
CA TYR B 269 38.14 -1.91 -34.00
C TYR B 269 39.17 -2.32 -32.90
N GLU B 270 38.78 -2.11 -31.63
CA GLU B 270 39.62 -2.37 -30.48
C GLU B 270 40.08 -3.82 -30.40
N MET B 271 39.16 -4.78 -30.75
CA MET B 271 39.50 -6.21 -30.69
C MET B 271 40.67 -6.54 -31.63
N LEU B 272 40.60 -5.99 -32.87
CA LEU B 272 41.55 -6.23 -33.95
C LEU B 272 42.80 -5.32 -33.94
N VAL B 273 42.64 -4.01 -33.62
CA VAL B 273 43.75 -3.06 -33.59
C VAL B 273 44.50 -3.12 -32.27
N GLY B 274 43.80 -3.33 -31.15
CA GLY B 274 44.45 -3.38 -29.85
C GLY B 274 44.21 -2.15 -28.99
N ASP B 275 43.89 -1.01 -29.65
CA ASP B 275 43.54 0.25 -29.00
C ASP B 275 42.22 0.75 -29.59
N THR B 276 41.54 1.69 -28.86
CA THR B 276 40.29 2.29 -29.32
C THR B 276 40.61 3.31 -30.43
N PRO B 277 39.68 3.50 -31.39
CA PRO B 277 40.00 4.38 -32.52
C PRO B 277 40.14 5.86 -32.18
N PHE B 278 39.49 6.36 -31.11
CA PHE B 278 39.55 7.79 -30.82
C PHE B 278 40.19 8.12 -29.47
N TYR B 279 41.07 7.23 -29.02
CA TYR B 279 41.79 7.45 -27.77
C TYR B 279 42.73 8.63 -27.89
N ALA B 280 42.77 9.45 -26.83
CA ALA B 280 43.64 10.61 -26.63
C ALA B 280 43.93 10.72 -25.09
N ASP B 281 45.04 11.39 -24.71
CA ASP B 281 45.47 11.54 -23.30
C ASP B 281 44.33 11.95 -22.39
N SER B 282 43.76 13.14 -22.64
CA SER B 282 42.66 13.75 -21.88
C SER B 282 41.29 13.36 -22.42
N LEU B 283 40.26 13.43 -21.55
CA LEU B 283 38.85 13.12 -21.91
C LEU B 283 38.36 14.03 -23.00
N VAL B 284 38.73 15.34 -22.90
CA VAL B 284 38.37 16.35 -23.87
C VAL B 284 39.00 15.99 -25.21
N GLY B 285 40.19 15.37 -25.17
CA GLY B 285 40.96 14.95 -26.33
C GLY B 285 40.21 13.93 -27.14
N THR B 286 39.67 12.92 -26.44
CA THR B 286 38.90 11.83 -27.03
C THR B 286 37.65 12.39 -27.73
N TYR B 287 36.92 13.36 -27.08
CA TYR B 287 35.73 14.02 -27.61
C TYR B 287 36.06 14.69 -28.95
N SER B 288 37.21 15.39 -29.03
CA SER B 288 37.67 16.08 -30.24
C SER B 288 37.84 15.08 -31.38
N LYS B 289 38.57 13.98 -31.12
CA LYS B 289 38.81 12.92 -32.09
C LYS B 289 37.50 12.29 -32.57
N ILE B 290 36.50 12.12 -31.67
CA ILE B 290 35.20 11.55 -32.06
C ILE B 290 34.50 12.49 -33.04
N MET B 291 34.29 13.77 -32.64
CA MET B 291 33.66 14.79 -33.49
C MET B 291 34.32 14.90 -34.83
N ASN B 292 35.66 14.73 -34.88
CA ASN B 292 36.39 14.77 -36.13
C ASN B 292 36.74 13.31 -36.62
N HIS B 293 35.75 12.37 -36.49
CA HIS B 293 35.95 10.97 -36.92
C HIS B 293 36.42 10.86 -38.37
N LYS B 294 35.72 11.57 -39.31
CA LYS B 294 36.00 11.62 -40.76
C LYS B 294 37.48 11.61 -41.09
N ASN B 295 38.31 12.30 -40.26
CA ASN B 295 39.76 12.36 -40.48
C ASN B 295 40.60 11.64 -39.43
N SER B 296 40.08 11.51 -38.20
CA SER B 296 40.83 10.86 -37.11
C SER B 296 40.90 9.32 -37.26
N LEU B 297 39.83 8.70 -37.82
CA LEU B 297 39.77 7.24 -37.99
C LEU B 297 40.78 6.75 -39.04
N THR B 298 41.80 6.06 -38.54
CA THR B 298 42.89 5.52 -39.36
C THR B 298 43.26 4.13 -38.85
N PHE B 299 43.71 3.25 -39.76
CA PHE B 299 44.14 1.90 -39.45
C PHE B 299 45.64 1.81 -39.60
N PRO B 300 46.34 0.97 -38.80
CA PRO B 300 47.80 0.87 -38.95
C PRO B 300 48.21 0.12 -40.22
N ASP B 301 49.46 0.34 -40.70
CA ASP B 301 49.98 -0.28 -41.93
C ASP B 301 50.58 -1.71 -41.68
N ASP B 302 49.70 -2.67 -41.42
CA ASP B 302 49.97 -4.08 -41.24
C ASP B 302 48.71 -4.78 -41.75
N ASN B 303 48.88 -5.48 -42.93
CA ASN B 303 47.92 -6.27 -43.76
C ASN B 303 46.88 -7.11 -42.93
N ASP B 304 47.15 -7.24 -41.60
CA ASP B 304 46.42 -7.94 -40.57
C ASP B 304 44.92 -7.82 -40.65
N ILE B 305 44.38 -6.59 -40.74
CA ILE B 305 42.94 -6.47 -40.79
C ILE B 305 42.46 -6.75 -42.19
N SER B 306 41.44 -7.64 -42.31
CA SER B 306 40.88 -8.02 -43.61
C SER B 306 40.10 -6.88 -44.25
N LYS B 307 39.81 -7.05 -45.55
CA LYS B 307 39.07 -6.05 -46.30
C LYS B 307 37.72 -5.80 -45.64
N GLU B 308 36.95 -6.88 -45.35
CA GLU B 308 35.60 -6.79 -44.75
C GLU B 308 35.59 -6.27 -43.33
N ALA B 309 36.60 -6.65 -42.53
CA ALA B 309 36.68 -6.16 -41.15
C ALA B 309 36.77 -4.62 -41.23
N LYS B 310 37.70 -4.08 -42.06
CA LYS B 310 37.87 -2.64 -42.28
C LYS B 310 36.54 -2.04 -42.75
N ASN B 311 35.86 -2.68 -43.75
CA ASN B 311 34.57 -2.21 -44.33
C ASN B 311 33.48 -2.09 -43.28
N LEU B 312 33.29 -3.13 -42.43
CA LEU B 312 32.28 -3.11 -41.37
C LEU B 312 32.58 -2.03 -40.33
N ILE B 313 33.87 -1.88 -39.96
CA ILE B 313 34.31 -0.86 -39.02
C ILE B 313 33.91 0.52 -39.55
N CYS B 314 34.25 0.80 -40.82
CA CYS B 314 33.93 2.08 -41.43
C CYS B 314 32.44 2.28 -41.64
N ALA B 315 31.70 1.18 -41.86
CA ALA B 315 30.25 1.16 -42.04
C ALA B 315 29.54 1.62 -40.77
N PHE B 316 30.11 1.27 -39.60
CA PHE B 316 29.58 1.64 -38.29
C PHE B 316 30.14 2.97 -37.82
N LEU B 317 31.40 3.29 -38.20
CA LEU B 317 32.10 4.50 -37.75
C LEU B 317 31.93 5.71 -38.72
N THR B 318 30.67 5.96 -39.10
CA THR B 318 30.24 7.07 -39.95
C THR B 318 29.09 7.86 -39.28
N ASP B 319 28.70 9.00 -39.88
CA ASP B 319 27.59 9.84 -39.40
C ASP B 319 26.32 9.00 -39.54
N ARG B 320 25.38 9.12 -38.58
CA ARG B 320 24.15 8.30 -38.48
C ARG B 320 23.40 8.11 -39.81
N GLU B 321 23.25 9.18 -40.59
CA GLU B 321 22.56 9.24 -41.87
C GLU B 321 22.98 8.16 -42.89
N VAL B 322 24.23 7.69 -42.83
CA VAL B 322 24.79 6.65 -43.71
C VAL B 322 25.31 5.42 -42.94
N ARG B 323 25.00 5.35 -41.64
CA ARG B 323 25.45 4.27 -40.76
C ARG B 323 24.76 2.94 -41.01
N LEU B 324 25.56 1.87 -41.15
CA LEU B 324 25.02 0.51 -41.30
C LEU B 324 24.19 0.24 -40.06
N GLY B 325 22.89 0.04 -40.25
CA GLY B 325 21.96 -0.19 -39.15
C GLY B 325 20.78 0.74 -39.18
N ARG B 326 20.91 1.87 -39.94
CA ARG B 326 19.85 2.88 -40.11
C ARG B 326 18.55 2.26 -40.61
N ASN B 327 18.65 1.19 -41.43
CA ASN B 327 17.53 0.45 -42.03
C ASN B 327 17.10 -0.80 -41.24
N GLY B 328 17.91 -1.24 -40.28
CA GLY B 328 17.57 -2.38 -39.43
C GLY B 328 18.64 -3.44 -39.32
N VAL B 329 18.50 -4.32 -38.31
CA VAL B 329 19.43 -5.41 -38.00
C VAL B 329 19.83 -6.24 -39.19
N GLU B 330 18.86 -6.63 -40.02
CA GLU B 330 19.09 -7.53 -41.15
C GLU B 330 20.20 -7.05 -42.11
N GLU B 331 20.28 -5.72 -42.37
CA GLU B 331 21.32 -5.16 -43.23
C GLU B 331 22.71 -5.31 -42.59
N ILE B 332 22.80 -5.41 -41.22
CA ILE B 332 24.07 -5.65 -40.51
C ILE B 332 24.42 -7.12 -40.67
N LYS B 333 23.42 -8.01 -40.42
CA LYS B 333 23.53 -9.47 -40.49
C LYS B 333 24.01 -9.95 -41.84
N ARG B 334 23.52 -9.30 -42.92
CA ARG B 334 23.87 -9.59 -44.30
C ARG B 334 25.33 -9.22 -44.64
N HIS B 335 26.00 -8.34 -43.84
CA HIS B 335 27.38 -7.91 -44.11
C HIS B 335 28.33 -9.09 -44.29
N LEU B 336 29.21 -8.99 -45.29
CA LEU B 336 30.15 -10.06 -45.61
C LEU B 336 31.12 -10.41 -44.52
N PHE B 337 31.45 -9.47 -43.61
CA PHE B 337 32.37 -9.77 -42.52
C PHE B 337 31.93 -11.04 -41.77
N PHE B 338 30.60 -11.21 -41.59
CA PHE B 338 30.01 -12.34 -40.88
C PHE B 338 29.93 -13.62 -41.70
N LYS B 339 30.18 -13.55 -43.02
CA LYS B 339 30.11 -14.75 -43.86
C LYS B 339 31.10 -15.78 -43.33
N ASN B 340 30.57 -16.96 -42.89
CA ASN B 340 31.38 -18.03 -42.30
C ASN B 340 30.78 -19.45 -42.47
N ASP B 341 31.64 -20.47 -42.20
CA ASP B 341 31.38 -21.91 -42.29
C ASP B 341 31.40 -22.62 -40.93
N GLN B 342 31.06 -21.89 -39.86
CA GLN B 342 31.08 -22.47 -38.50
C GLN B 342 29.74 -22.34 -37.78
N TRP B 343 28.98 -21.22 -38.03
CA TRP B 343 27.70 -20.92 -37.36
C TRP B 343 26.66 -20.19 -38.25
N ALA B 344 25.37 -20.36 -37.87
CA ALA B 344 24.22 -19.68 -38.47
C ALA B 344 23.73 -18.73 -37.40
N TRP B 345 23.16 -17.55 -37.78
CA TRP B 345 22.69 -16.56 -36.78
C TRP B 345 21.63 -17.17 -35.82
N GLU B 346 20.75 -18.01 -36.38
CA GLU B 346 19.63 -18.68 -35.69
C GLU B 346 20.04 -19.80 -34.71
N THR B 347 21.29 -20.26 -34.76
CA THR B 347 21.77 -21.34 -33.89
C THR B 347 23.17 -21.01 -33.23
N LEU B 348 23.54 -19.73 -33.18
CA LEU B 348 24.85 -19.25 -32.70
C LEU B 348 25.11 -19.51 -31.21
N ARG B 349 24.14 -19.20 -30.33
CA ARG B 349 24.33 -19.41 -28.90
C ARG B 349 24.26 -20.91 -28.49
N ASP B 350 24.07 -21.80 -29.49
CA ASP B 350 24.07 -23.24 -29.35
C ASP B 350 25.42 -23.79 -29.88
N THR B 351 26.23 -22.95 -30.56
CA THR B 351 27.56 -23.38 -31.03
C THR B 351 28.58 -23.31 -29.86
N VAL B 352 29.79 -23.87 -30.07
CA VAL B 352 30.89 -23.92 -29.09
C VAL B 352 31.68 -22.61 -29.07
N ALA B 353 31.59 -21.85 -27.95
CA ALA B 353 32.27 -20.56 -27.74
C ALA B 353 33.80 -20.65 -27.95
N PRO B 354 34.47 -19.60 -28.52
CA PRO B 354 35.92 -19.69 -28.75
C PRO B 354 36.79 -19.83 -27.50
N VAL B 355 36.31 -19.37 -26.34
CA VAL B 355 37.00 -19.50 -25.03
C VAL B 355 36.01 -20.07 -24.00
N VAL B 356 36.18 -21.33 -23.61
CA VAL B 356 35.29 -21.95 -22.63
C VAL B 356 35.96 -21.88 -21.24
N PRO B 357 35.33 -21.20 -20.26
CA PRO B 357 35.97 -21.11 -18.91
C PRO B 357 36.11 -22.43 -18.17
N ASP B 358 37.34 -22.73 -17.68
CA ASP B 358 37.60 -23.92 -16.85
C ASP B 358 37.44 -23.43 -15.40
N LEU B 359 36.37 -23.87 -14.72
CA LEU B 359 36.08 -23.37 -13.37
C LEU B 359 36.13 -24.43 -12.28
N SER B 360 36.80 -24.08 -11.17
CA SER B 360 37.04 -24.93 -10.02
C SER B 360 35.84 -25.18 -9.12
N SER B 361 34.87 -24.26 -9.07
CA SER B 361 33.70 -24.39 -8.19
C SER B 361 32.54 -23.52 -8.64
N ASP B 362 31.47 -23.52 -7.84
CA ASP B 362 30.30 -22.67 -8.04
C ASP B 362 30.68 -21.24 -7.63
N ILE B 363 31.77 -21.09 -6.86
CA ILE B 363 32.24 -19.78 -6.43
C ILE B 363 33.67 -19.47 -6.94
N ASP B 364 34.07 -20.04 -8.12
CA ASP B 364 35.36 -19.77 -8.76
C ASP B 364 35.35 -18.30 -9.21
N THR B 365 36.28 -17.48 -8.70
CA THR B 365 36.35 -16.04 -9.06
C THR B 365 37.69 -15.68 -9.70
N SER B 366 38.29 -16.65 -10.44
CA SER B 366 39.58 -16.50 -11.11
C SER B 366 39.62 -15.42 -12.20
N ASN B 367 38.48 -15.16 -12.88
CA ASN B 367 38.41 -14.17 -13.96
C ASN B 367 38.16 -12.75 -13.47
N PHE B 368 38.16 -12.57 -12.14
CA PHE B 368 37.93 -11.28 -11.54
C PHE B 368 39.11 -10.81 -10.73
N ASP B 369 39.58 -9.58 -11.04
CA ASP B 369 40.73 -8.92 -10.41
C ASP B 369 40.51 -8.69 -8.94
N ASP B 370 41.56 -8.89 -8.13
CA ASP B 370 41.47 -8.74 -6.68
C ASP B 370 41.12 -7.34 -6.27
N LEU B 371 40.02 -7.23 -5.48
CA LEU B 371 39.49 -5.99 -4.94
C LEU B 371 39.34 -6.13 -3.44
N GLU B 378 32.17 6.26 5.21
CA GLU B 378 30.78 5.94 4.85
C GLU B 378 29.82 7.02 5.34
N GLU B 379 29.62 8.04 4.48
CA GLU B 379 28.77 9.21 4.71
C GLU B 379 27.29 8.90 4.56
N THR B 380 26.50 9.30 5.56
CA THR B 380 25.05 9.17 5.56
C THR B 380 24.39 10.56 5.70
N PHE B 381 23.06 10.60 5.44
CA PHE B 381 22.20 11.78 5.55
C PHE B 381 22.16 12.35 6.97
N PRO B 382 22.09 13.69 7.09
CA PRO B 382 21.96 14.30 8.43
C PRO B 382 20.51 14.26 8.95
N ILE B 383 20.30 14.52 10.25
CA ILE B 383 18.97 14.55 10.84
C ILE B 383 18.23 15.81 10.34
N PRO B 384 17.05 15.65 9.72
CA PRO B 384 16.31 16.82 9.23
C PRO B 384 15.45 17.53 10.28
N LYS B 385 15.39 18.87 10.18
CA LYS B 385 14.58 19.67 11.09
C LYS B 385 13.10 19.69 10.66
N ALA B 386 12.83 19.44 9.36
CA ALA B 386 11.49 19.37 8.76
C ALA B 386 11.46 18.20 7.77
N PHE B 387 10.28 17.89 7.18
CA PHE B 387 10.15 16.78 6.24
C PHE B 387 10.97 16.97 4.97
N VAL B 388 11.83 16.00 4.66
CA VAL B 388 12.72 16.04 3.50
C VAL B 388 12.40 14.98 2.45
N GLY B 389 11.84 13.85 2.89
CA GLY B 389 11.46 12.73 2.04
C GLY B 389 12.58 12.10 1.22
N ASN B 390 13.67 11.76 1.91
CA ASN B 390 14.83 11.17 1.28
C ASN B 390 14.60 9.76 0.73
N GLN B 391 13.63 9.02 1.29
CA GLN B 391 13.35 7.66 0.84
C GLN B 391 12.39 7.59 -0.36
N LEU B 392 11.74 8.72 -0.68
CA LEU B 392 10.72 8.81 -1.75
C LEU B 392 11.22 8.43 -3.16
N PRO B 393 12.46 8.77 -3.62
CA PRO B 393 12.86 8.37 -4.99
C PRO B 393 13.09 6.88 -5.18
N PHE B 394 12.87 6.05 -4.13
CA PHE B 394 13.13 4.60 -4.18
C PHE B 394 11.91 3.68 -3.90
N VAL B 395 10.75 4.28 -3.56
CA VAL B 395 9.51 3.55 -3.32
C VAL B 395 9.10 2.77 -4.57
N GLY B 396 9.04 1.45 -4.44
CA GLY B 396 8.63 0.56 -5.53
C GLY B 396 9.73 -0.21 -6.22
N PHE B 397 10.99 0.02 -5.78
CA PHE B 397 12.17 -0.64 -6.35
C PHE B 397 12.17 -2.13 -6.05
N THR B 398 11.57 -2.53 -4.91
CA THR B 398 11.47 -3.91 -4.46
C THR B 398 10.92 -4.83 -5.57
N TYR B 399 11.37 -6.10 -5.60
CA TYR B 399 11.01 -7.14 -6.57
C TYR B 399 11.38 -8.51 -6.04
N TYR B 400 10.45 -9.47 -6.18
CA TYR B 400 10.65 -10.87 -5.81
C TYR B 400 10.23 -11.75 -6.95
N SER B 401 10.90 -12.88 -7.13
CA SER B 401 10.50 -13.83 -8.16
C SER B 401 9.77 -15.03 -7.54
N ASN B 402 8.83 -15.61 -8.29
CA ASN B 402 8.08 -16.79 -7.83
C ASN B 402 8.36 -18.02 -8.71
#